data_5TBG
#
_entry.id   5TBG
#
_entity_poly.entity_id   1
_entity_poly.type   'polypeptide(L)'
_entity_poly.pdbx_seq_one_letter_code
;GE(CGU)(CGU)LA(CGU)KAP(CGU)FAR(CGU)LANY(NH2)
;
_entity_poly.pdbx_strand_id   A
#
loop_
_chem_comp.id
_chem_comp.type
_chem_comp.name
_chem_comp.formula
NH2 non-polymer 'AMINO GROUP' 'H2 N'
#
# COMPACT_ATOMS: atom_id res chain seq x y z
N GLY A 1 2.51 13.37 0.59
CA GLY A 1 2.18 12.04 1.22
C GLY A 1 1.00 11.44 0.47
N GLU A 2 -0.04 12.21 0.32
CA GLU A 2 -1.24 11.77 -0.43
C GLU A 2 -0.84 10.99 -1.69
N CGU A 3 0.03 11.53 -2.49
CA CGU A 3 0.47 10.81 -3.72
C CGU A 3 1.20 9.53 -3.32
O CGU A 3 0.88 8.46 -3.79
CB CGU A 3 1.39 11.71 -4.57
CG CGU A 3 1.75 10.95 -5.85
CD1 CGU A 3 0.51 10.75 -6.72
CD2 CGU A 3 2.79 11.72 -6.67
OE11 CGU A 3 0.58 9.93 -7.62
OE12 CGU A 3 -0.48 11.43 -6.51
OE21 CGU A 3 3.01 11.33 -7.82
OE22 CGU A 3 3.37 12.66 -6.16
H CGU A 3 0.42 12.40 -2.28
HA CGU A 3 -0.40 10.56 -4.30
HB2 CGU A 3 2.29 11.93 -4.00
HB3 CGU A 3 0.87 12.63 -4.82
HG CGU A 3 2.15 9.99 -5.58
N CGU A 4 2.15 9.62 -2.42
CA CGU A 4 2.84 8.38 -1.97
C CGU A 4 1.76 7.44 -1.47
O CGU A 4 1.72 6.28 -1.83
CB CGU A 4 3.84 8.70 -0.85
CG CGU A 4 4.19 7.42 -0.08
CD1 CGU A 4 4.61 6.30 -1.04
CD2 CGU A 4 5.35 7.69 0.89
OE11 CGU A 4 5.45 6.55 -1.89
OE12 CGU A 4 4.08 5.20 -0.91
OE21 CGU A 4 6.34 8.27 0.45
OE22 CGU A 4 5.25 7.30 2.04
H CGU A 4 2.37 10.48 -2.02
HA CGU A 4 3.36 7.93 -2.81
HB2 CGU A 4 3.40 9.42 -0.18
HB3 CGU A 4 4.74 9.11 -1.28
HG CGU A 4 3.33 7.10 0.49
N LEU A 5 0.85 7.95 -0.69
CA LEU A 5 -0.27 7.11 -0.20
C LEU A 5 -1.04 6.62 -1.42
N ALA A 6 -1.34 7.52 -2.35
CA ALA A 6 -2.06 7.10 -3.57
C ALA A 6 -1.21 6.05 -4.31
N CGU A 7 0.08 6.25 -4.33
CA CGU A 7 1.00 5.27 -4.99
C CGU A 7 1.28 4.14 -3.99
O CGU A 7 2.27 3.44 -4.08
CB CGU A 7 2.31 5.96 -5.35
CG CGU A 7 2.05 7.18 -6.25
CD1 CGU A 7 3.30 8.10 -6.24
CD2 CGU A 7 1.77 6.75 -7.70
OE11 CGU A 7 3.58 8.71 -7.25
OE12 CGU A 7 3.94 8.18 -5.20
OE21 CGU A 7 1.63 7.63 -8.55
OE22 CGU A 7 1.69 5.56 -7.96
H CGU A 7 0.46 7.04 -3.88
HA CGU A 7 0.52 4.87 -5.87
HB2 CGU A 7 2.94 5.25 -5.88
HB3 CGU A 7 2.81 6.26 -4.45
HG CGU A 7 1.21 7.73 -5.87
N LYS A 8 0.43 3.99 -3.02
CA LYS A 8 0.64 2.93 -2.00
C LYS A 8 -0.66 2.19 -1.72
N ALA A 9 -1.64 2.88 -1.21
CA ALA A 9 -2.92 2.20 -0.87
C ALA A 9 -2.59 1.09 0.14
N PRO A 10 -2.49 1.43 1.41
CA PRO A 10 -2.14 0.49 2.54
C PRO A 10 -2.74 -0.92 2.43
N CGU A 11 -3.33 -1.27 1.32
CA CGU A 11 -3.89 -2.62 1.13
C CGU A 11 -2.79 -3.43 0.44
O CGU A 11 -2.76 -4.65 0.52
CB CGU A 11 -5.15 -2.51 0.26
CG CGU A 11 -5.43 -3.83 -0.49
CD1 CGU A 11 -5.63 -5.00 0.49
CD2 CGU A 11 -6.70 -3.69 -1.33
OE11 CGU A 11 -5.83 -6.10 0.00
OE12 CGU A 11 -5.60 -4.78 1.70
OE21 CGU A 11 -7.08 -4.67 -1.97
OE22 CGU A 11 -7.29 -2.62 -1.34
H CGU A 11 -3.37 -0.63 0.59
HA CGU A 11 -4.13 -3.06 2.08
HB2 CGU A 11 -5.02 -1.71 -0.47
HB3 CGU A 11 -5.99 -2.28 0.89
HG CGU A 11 -4.59 -4.04 -1.14
N PHE A 12 -1.85 -2.76 -0.19
CA PHE A 12 -0.72 -3.46 -0.85
C PHE A 12 0.11 -4.09 0.26
N ALA A 13 0.28 -3.37 1.35
CA ALA A 13 1.05 -3.88 2.50
C ALA A 13 0.49 -5.24 2.89
N ARG A 14 -0.81 -5.35 2.97
CA ARG A 14 -1.43 -6.65 3.32
C ARG A 14 -1.37 -7.58 2.10
N CGU A 15 -1.54 -7.04 0.91
CA CGU A 15 -1.47 -7.91 -0.31
C CGU A 15 -0.13 -8.59 -0.39
O CGU A 15 -0.01 -9.68 -0.92
CB CGU A 15 -1.75 -7.09 -1.58
CG CGU A 15 -3.26 -6.82 -1.66
CD1 CGU A 15 -3.58 -5.74 -2.71
CD2 CGU A 15 -4.03 -8.10 -2.04
OE11 CGU A 15 -4.75 -5.62 -3.04
OE12 CGU A 15 -2.66 -5.08 -3.15
OE21 CGU A 15 -3.40 -9.02 -2.52
OE22 CGU A 15 -5.23 -8.12 -1.83
H CGU A 15 -1.70 -6.07 0.81
HA CGU A 15 -2.23 -8.68 -0.22
HB2 CGU A 15 -1.44 -7.66 -2.44
HB3 CGU A 15 -1.20 -6.16 -1.54
HG CGU A 15 -3.60 -6.48 -0.69
N LEU A 16 0.89 -8.01 0.20
CA LEU A 16 2.20 -8.71 0.21
C LEU A 16 2.40 -9.28 1.60
N ALA A 17 1.78 -8.67 2.59
CA ALA A 17 1.91 -9.20 3.98
C ALA A 17 1.68 -10.71 3.91
N ASN A 18 0.71 -11.13 3.14
CA ASN A 18 0.48 -12.60 3.02
C ASN A 18 1.61 -13.24 2.17
N TYR A 19 2.42 -12.44 1.51
CA TYR A 19 3.55 -12.97 0.70
C TYR A 19 4.36 -11.81 0.09
N NH2 A 20 3.77 -10.95 -0.67
HN1 NH2 A 20 2.80 -11.07 -0.86
HN2 NH2 A 20 4.28 -10.21 -1.07
N GLY A 1 1.85 13.45 0.55
CA GLY A 1 1.38 12.30 1.38
C GLY A 1 0.29 11.55 0.61
N GLU A 2 -0.83 12.17 0.43
CA GLU A 2 -1.96 11.53 -0.32
C GLU A 2 -1.42 10.81 -1.57
N CGU A 3 -0.85 11.55 -2.47
CA CGU A 3 -0.30 10.94 -3.72
C CGU A 3 0.75 9.89 -3.33
O CGU A 3 0.75 8.78 -3.81
CB CGU A 3 0.34 12.03 -4.59
CG CGU A 3 0.99 11.36 -5.82
CD1 CGU A 3 -0.07 10.71 -6.71
CD2 CGU A 3 1.73 12.41 -6.68
OE11 CGU A 3 0.32 9.95 -7.58
OE12 CGU A 3 -1.25 10.97 -6.52
OE21 CGU A 3 2.16 12.04 -7.77
OE22 CGU A 3 1.85 13.54 -6.24
H CGU A 3 -0.78 12.52 -2.34
HA CGU A 3 -1.10 10.46 -4.25
HB2 CGU A 3 1.09 12.55 -4.02
HB3 CGU A 3 -0.44 12.72 -4.92
HG CGU A 3 1.70 10.62 -5.48
N CGU A 4 1.63 10.25 -2.42
CA CGU A 4 2.67 9.29 -1.97
C CGU A 4 1.95 8.05 -1.46
O CGU A 4 2.28 6.93 -1.81
CB CGU A 4 3.49 9.92 -0.85
CG CGU A 4 4.36 11.07 -1.41
CD1 CGU A 4 3.50 12.04 -2.21
CD2 CGU A 4 5.01 11.82 -0.25
OE11 CGU A 4 2.56 12.58 -1.64
OE12 CGU A 4 3.78 12.22 -3.38
OE21 CGU A 4 4.28 12.35 0.58
OE22 CGU A 4 6.23 11.88 -0.21
H CGU A 4 1.60 11.15 -2.04
HA CGU A 4 3.31 9.02 -2.80
HB2 CGU A 4 4.12 9.17 -0.41
HB3 CGU A 4 2.82 10.32 -0.09
HG CGU A 4 5.13 10.64 -2.04
N LEU A 5 0.92 8.24 -0.68
CA LEU A 5 0.14 7.08 -0.18
C LEU A 5 -0.64 6.50 -1.36
N ALA A 6 -1.20 7.35 -2.20
CA ALA A 6 -1.94 6.85 -3.39
C ALA A 6 -1.00 5.99 -4.23
N CGU A 7 0.24 6.39 -4.33
CA CGU A 7 1.23 5.61 -5.12
C CGU A 7 1.60 4.35 -4.32
O CGU A 7 2.43 3.55 -4.73
CB CGU A 7 2.49 6.45 -5.36
CG CGU A 7 2.16 7.66 -6.26
CD1 CGU A 7 3.25 8.74 -6.09
CD2 CGU A 7 2.10 7.24 -7.74
OE11 CGU A 7 4.02 8.65 -5.15
OE12 CGU A 7 3.28 9.65 -6.92
OE21 CGU A 7 2.00 8.12 -8.58
OE22 CGU A 7 2.14 6.05 -8.01
H CGU A 7 0.52 7.21 -3.87
HA CGU A 7 0.80 5.31 -6.06
HB2 CGU A 7 3.25 5.84 -5.84
HB3 CGU A 7 2.86 6.79 -4.40
HG CGU A 7 1.20 8.08 -5.97
N LYS A 8 1.01 4.18 -3.15
CA LYS A 8 1.33 3.01 -2.30
C LYS A 8 0.07 2.22 -2.00
N ALA A 9 -0.93 2.86 -1.49
CA ALA A 9 -2.19 2.14 -1.13
C ALA A 9 -1.83 1.05 -0.12
N PRO A 10 -1.74 1.41 1.15
CA PRO A 10 -1.38 0.47 2.26
C PRO A 10 -1.97 -0.93 2.11
N CGU A 11 -2.83 -1.13 1.15
CA CGU A 11 -3.39 -2.47 0.93
C CGU A 11 -2.29 -3.34 0.32
O CGU A 11 -2.32 -4.54 0.45
CB CGU A 11 -4.58 -2.37 -0.04
CG CGU A 11 -5.85 -2.92 0.63
CD1 CGU A 11 -7.02 -2.88 -0.35
CD2 CGU A 11 -5.63 -4.37 1.09
OE11 CGU A 11 -7.96 -2.14 -0.10
OE12 CGU A 11 -6.96 -3.58 -1.36
OE21 CGU A 11 -5.32 -4.57 2.24
OE22 CGU A 11 -5.76 -5.26 0.26
H CGU A 11 -3.07 -0.41 0.56
HA CGU A 11 -3.72 -2.90 1.86
HB2 CGU A 11 -4.37 -2.96 -0.93
HB3 CGU A 11 -4.74 -1.35 -0.32
HG CGU A 11 -6.08 -2.30 1.50
N PHE A 12 -1.32 -2.74 -0.34
CA PHE A 12 -0.22 -3.58 -0.92
C PHE A 12 0.53 -4.23 0.24
N ALA A 13 0.78 -3.47 1.29
CA ALA A 13 1.50 -4.00 2.47
C ALA A 13 0.86 -5.31 2.90
N ARG A 14 -0.42 -5.28 3.18
CA ARG A 14 -1.11 -6.53 3.60
C ARG A 14 -1.30 -7.46 2.40
N CGU A 15 -1.55 -6.91 1.22
CA CGU A 15 -1.75 -7.78 0.02
C CGU A 15 -0.54 -8.66 -0.16
O CGU A 15 -0.65 -9.75 -0.67
CB CGU A 15 -1.98 -6.94 -1.25
CG CGU A 15 -3.43 -6.42 -1.27
CD1 CGU A 15 -3.58 -5.30 -2.31
CD2 CGU A 15 -4.40 -7.56 -1.64
OE11 CGU A 15 -4.70 -4.83 -2.46
OE12 CGU A 15 -2.60 -4.94 -2.93
OE21 CGU A 15 -3.95 -8.65 -1.91
OE22 CGU A 15 -5.60 -7.30 -1.64
H CGU A 15 -1.61 -5.92 1.13
HA CGU A 15 -2.61 -8.41 0.19
HB2 CGU A 15 -1.81 -7.55 -2.12
HB3 CGU A 15 -1.29 -6.10 -1.25
HG CGU A 15 -3.68 -6.04 -0.29
N LEU A 16 0.61 -8.23 0.28
CA LEU A 16 1.80 -9.13 0.17
C LEU A 16 2.08 -9.68 1.55
N ALA A 17 1.70 -8.96 2.58
CA ALA A 17 1.92 -9.47 3.96
C ALA A 17 1.45 -10.92 3.99
N ASN A 18 0.35 -11.21 3.33
CA ASN A 18 -0.12 -12.62 3.30
C ASN A 18 0.78 -13.46 2.37
N TYR A 19 1.62 -12.80 1.59
CA TYR A 19 2.56 -13.53 0.68
C TYR A 19 3.45 -12.53 -0.07
N NH2 A 20 2.90 -11.62 -0.81
HN1 NH2 A 20 1.92 -11.58 -0.87
HN2 NH2 A 20 3.47 -10.96 -1.30
N GLY A 1 3.52 11.37 0.96
CA GLY A 1 2.20 12.01 1.27
C GLY A 1 1.10 11.46 0.37
N GLU A 2 0.15 12.28 0.01
CA GLU A 2 -1.00 11.82 -0.85
C GLU A 2 -0.51 10.92 -2.00
N CGU A 3 0.28 11.43 -2.90
CA CGU A 3 0.77 10.58 -4.03
C CGU A 3 1.37 9.30 -3.44
O CGU A 3 0.94 8.21 -3.75
CB CGU A 3 1.85 11.32 -4.84
CG CGU A 3 1.28 11.77 -6.20
CD1 CGU A 3 2.45 12.03 -7.19
CD2 CGU A 3 0.37 10.69 -6.80
OE11 CGU A 3 3.09 13.05 -7.05
OE12 CGU A 3 2.68 11.18 -8.05
OE21 CGU A 3 0.84 9.61 -7.09
OE22 CGU A 3 -0.81 10.97 -6.96
H CGU A 3 0.56 12.35 -2.83
HA CGU A 3 -0.06 10.33 -4.66
HB2 CGU A 3 2.69 10.66 -5.01
HB3 CGU A 3 2.18 12.20 -4.28
HG CGU A 3 0.73 12.68 -6.07
N CGU A 4 2.33 9.44 -2.56
CA CGU A 4 2.92 8.23 -1.92
C CGU A 4 1.78 7.36 -1.38
O CGU A 4 1.72 6.19 -1.63
CB CGU A 4 3.83 8.67 -0.76
CG CGU A 4 3.98 7.54 0.28
CD1 CGU A 4 4.80 6.38 -0.31
CD2 CGU A 4 4.69 8.09 1.52
OE11 CGU A 4 5.73 6.66 -1.06
OE12 CGU A 4 4.49 5.24 -0.01
OE21 CGU A 4 4.33 9.19 1.95
OE22 CGU A 4 5.58 7.43 2.03
H CGU A 4 2.63 10.33 -2.30
HA CGU A 4 3.50 7.67 -2.63
HB2 CGU A 4 3.39 9.53 -0.29
HB3 CGU A 4 4.80 8.94 -1.15
HG CGU A 4 3.01 7.18 0.56
N LEU A 5 0.87 7.97 -0.67
CA LEU A 5 -0.29 7.19 -0.14
C LEU A 5 -1.10 6.67 -1.34
N ALA A 6 -1.36 7.52 -2.31
CA ALA A 6 -2.11 7.06 -3.52
C ALA A 6 -1.31 5.96 -4.23
N CGU A 7 -0.01 6.08 -4.24
CA CGU A 7 0.85 5.06 -4.88
C CGU A 7 1.08 3.92 -3.88
O CGU A 7 1.78 2.96 -4.15
CB CGU A 7 2.20 5.69 -5.26
CG CGU A 7 1.96 6.92 -6.16
CD1 CGU A 7 3.16 7.89 -6.06
CD2 CGU A 7 1.82 6.49 -7.63
OE11 CGU A 7 3.79 7.91 -5.01
OE12 CGU A 7 3.41 8.62 -7.01
OE21 CGU A 7 1.62 7.37 -8.47
OE22 CGU A 7 1.90 5.30 -7.91
H CGU A 7 0.40 6.85 -3.79
HA CGU A 7 0.36 4.67 -5.76
HB2 CGU A 7 2.80 4.97 -5.79
HB3 CGU A 7 2.71 6.00 -4.35
HG CGU A 7 1.07 7.42 -5.85
N LYS A 8 0.48 4.03 -2.72
CA LYS A 8 0.64 2.98 -1.67
C LYS A 8 -0.62 2.15 -1.59
N ALA A 9 -1.73 2.77 -1.31
CA ALA A 9 -3.01 2.01 -1.16
C ALA A 9 -2.80 1.04 0.00
N PRO A 10 -2.96 1.52 1.23
CA PRO A 10 -2.76 0.74 2.49
C PRO A 10 -3.22 -0.74 2.45
N CGU A 11 -3.59 -1.23 1.31
CA CGU A 11 -3.99 -2.65 1.19
C CGU A 11 -2.74 -3.39 0.70
O CGU A 11 -2.61 -4.59 0.90
CB CGU A 11 -5.12 -2.78 0.17
CG CGU A 11 -6.34 -3.42 0.83
CD1 CGU A 11 -7.49 -3.51 -0.18
CD2 CGU A 11 -5.99 -4.83 1.33
OE11 CGU A 11 -8.49 -2.85 0.03
OE12 CGU A 11 -7.37 -4.26 -1.13
OE21 CGU A 11 -5.87 -5.71 0.50
OE22 CGU A 11 -5.85 -4.99 2.53
H CGU A 11 -3.57 -0.68 0.51
HA CGU A 11 -4.29 -3.04 2.14
HB2 CGU A 11 -4.80 -3.39 -0.65
HB3 CGU A 11 -5.38 -1.80 -0.21
HG CGU A 11 -6.64 -2.81 1.67
N PHE A 12 -1.83 -2.68 0.07
CA PHE A 12 -0.57 -3.32 -0.41
C PHE A 12 0.13 -3.99 0.78
N ALA A 13 0.17 -3.31 1.89
CA ALA A 13 0.84 -3.86 3.11
C ALA A 13 0.39 -5.31 3.32
N ARG A 14 -0.89 -5.53 3.41
CA ARG A 14 -1.40 -6.91 3.62
C ARG A 14 -1.35 -7.69 2.30
N CGU A 15 -1.59 -7.02 1.19
CA CGU A 15 -1.55 -7.73 -0.13
C CGU A 15 -0.18 -8.35 -0.32
O CGU A 15 -0.03 -9.34 -1.00
CB CGU A 15 -1.91 -6.78 -1.27
CG CGU A 15 -3.41 -6.47 -1.19
CD1 CGU A 15 -3.77 -5.27 -2.09
CD2 CGU A 15 -4.23 -7.68 -1.65
OE11 CGU A 15 -4.95 -5.10 -2.36
OE12 CGU A 15 -2.88 -4.55 -2.48
OE21 CGU A 15 -5.43 -7.68 -1.41
OE22 CGU A 15 -3.66 -8.58 -2.24
H CGU A 15 -1.80 -6.06 1.22
HA CGU A 15 -2.28 -8.54 -0.10
HB2 CGU A 15 -1.68 -7.24 -2.21
HB3 CGU A 15 -1.33 -5.86 -1.17
HG CGU A 15 -3.67 -6.23 -0.17
N LEU A 16 0.82 -7.80 0.30
CA LEU A 16 2.17 -8.43 0.18
C LEU A 16 2.43 -9.15 1.50
N ALA A 17 1.83 -8.69 2.57
CA ALA A 17 2.03 -9.37 3.88
C ALA A 17 1.85 -10.86 3.64
N ASN A 18 0.88 -11.23 2.84
CA ASN A 18 0.70 -12.69 2.55
C ASN A 18 1.82 -13.17 1.60
N TYR A 19 2.58 -12.27 1.03
CA TYR A 19 3.70 -12.64 0.11
C TYR A 19 4.45 -11.39 -0.37
N NH2 A 20 3.80 -10.48 -1.02
HN1 NH2 A 20 2.84 -10.61 -1.19
HN2 NH2 A 20 4.27 -9.68 -1.34
N GLY A 1 2.93 11.66 1.06
CA GLY A 1 1.51 11.99 1.42
C GLY A 1 0.56 11.39 0.38
N GLU A 2 -0.45 12.15 -0.01
CA GLU A 2 -1.46 11.65 -1.01
C GLU A 2 -0.78 10.82 -2.11
N CGU A 3 0.09 11.41 -2.90
CA CGU A 3 0.76 10.65 -3.98
C CGU A 3 1.38 9.39 -3.39
O CGU A 3 1.06 8.28 -3.78
CB CGU A 3 1.84 11.49 -4.66
CG CGU A 3 1.38 11.94 -6.06
CD1 CGU A 3 2.61 12.32 -6.90
CD2 CGU A 3 0.65 10.79 -6.79
OE11 CGU A 3 3.08 11.49 -7.68
OE12 CGU A 3 3.07 13.44 -6.75
OE21 CGU A 3 -0.47 11.01 -7.21
OE22 CGU A 3 1.22 9.72 -6.93
H CGU A 3 0.29 12.35 -2.77
HA CGU A 3 0.01 10.36 -4.71
HB2 CGU A 3 2.76 10.90 -4.74
HB3 CGU A 3 2.03 12.38 -4.06
HG CGU A 3 0.72 12.79 -5.98
N CGU A 4 2.24 9.54 -2.40
CA CGU A 4 2.85 8.33 -1.76
C CGU A 4 1.70 7.42 -1.34
O CGU A 4 1.69 6.24 -1.64
CB CGU A 4 3.66 8.77 -0.54
CG CGU A 4 3.89 7.56 0.40
CD1 CGU A 4 4.67 6.46 -0.34
CD2 CGU A 4 4.71 8.00 1.62
OE11 CGU A 4 4.16 5.34 -0.41
OE12 CGU A 4 5.75 6.74 -0.83
OE21 CGU A 4 5.17 7.13 2.35
OE22 CGU A 4 4.86 9.20 1.82
H CGU A 4 2.46 10.44 -2.09
HA CGU A 4 3.48 7.82 -2.47
HB2 CGU A 4 3.12 9.53 0.00
HB3 CGU A 4 4.61 9.16 -0.86
HG CGU A 4 2.94 7.17 0.73
N LEU A 5 0.72 7.97 -0.67
CA LEU A 5 -0.45 7.14 -0.26
C LEU A 5 -1.07 6.54 -1.52
N ALA A 6 -1.27 7.34 -2.54
CA ALA A 6 -1.84 6.82 -3.81
C ALA A 6 -0.86 5.80 -4.40
N CGU A 7 0.42 6.09 -4.32
CA CGU A 7 1.45 5.16 -4.82
C CGU A 7 1.67 4.08 -3.75
O CGU A 7 2.71 3.44 -3.70
CB CGU A 7 2.77 5.91 -5.04
CG CGU A 7 2.54 7.14 -5.96
CD1 CGU A 7 3.67 8.17 -5.75
CD2 CGU A 7 2.52 6.72 -7.44
OE11 CGU A 7 3.86 9.00 -6.63
OE12 CGU A 7 4.33 8.11 -4.73
OE21 CGU A 7 2.65 5.54 -7.71
OE22 CGU A 7 2.38 7.60 -8.28
H CGU A 7 0.70 6.93 -3.89
HA CGU A 7 1.13 4.70 -5.75
HB2 CGU A 7 3.49 5.26 -5.49
HB3 CGU A 7 3.13 6.25 -4.09
HG CGU A 7 1.60 7.59 -5.72
N LYS A 8 0.72 3.90 -2.89
CA LYS A 8 0.85 2.90 -1.82
C LYS A 8 -0.45 2.14 -1.62
N ALA A 9 -1.49 2.82 -1.24
CA ALA A 9 -2.78 2.12 -0.99
C ALA A 9 -2.54 1.14 0.16
N PRO A 10 -2.56 1.63 1.39
CA PRO A 10 -2.29 0.85 2.64
C PRO A 10 -2.84 -0.60 2.65
N CGU A 11 -3.34 -1.06 1.55
CA CGU A 11 -3.83 -2.45 1.48
C CGU A 11 -2.69 -3.27 0.87
O CGU A 11 -2.61 -4.47 1.05
CB CGU A 11 -5.08 -2.52 0.59
CG CGU A 11 -6.24 -3.07 1.42
CD1 CGU A 11 -7.50 -3.19 0.54
CD2 CGU A 11 -5.88 -4.45 1.97
OE11 CGU A 11 -8.47 -2.51 0.82
OE12 CGU A 11 -7.46 -3.97 -0.40
OE21 CGU A 11 -5.54 -4.52 3.15
OE22 CGU A 11 -5.94 -5.41 1.23
H CGU A 11 -3.35 -0.52 0.75
HA CGU A 11 -4.05 -2.82 2.46
HB2 CGU A 11 -4.90 -3.17 -0.24
HB3 CGU A 11 -5.31 -1.53 0.24
HG CGU A 11 -6.46 -2.39 2.24
N PHE A 12 -1.79 -2.62 0.17
CA PHE A 12 -0.64 -3.34 -0.43
C PHE A 12 0.17 -4.00 0.69
N ALA A 13 0.33 -3.30 1.78
CA ALA A 13 1.11 -3.85 2.93
C ALA A 13 0.63 -5.26 3.23
N ARG A 14 -0.65 -5.44 3.46
CA ARG A 14 -1.19 -6.78 3.77
C ARG A 14 -1.31 -7.59 2.47
N CGU A 15 -1.65 -6.94 1.37
CA CGU A 15 -1.78 -7.69 0.08
C CGU A 15 -0.46 -8.36 -0.25
O CGU A 15 -0.43 -9.38 -0.90
CB CGU A 15 -2.21 -6.75 -1.05
CG CGU A 15 -3.68 -6.36 -0.81
CD1 CGU A 15 -4.08 -5.16 -1.68
CD2 CGU A 15 -4.61 -7.53 -1.17
OE11 CGU A 15 -3.19 -4.49 -2.18
OE12 CGU A 15 -5.27 -4.91 -1.80
OE21 CGU A 15 -4.17 -8.43 -1.86
OE22 CGU A 15 -5.75 -7.50 -0.73
H CGU A 15 -1.81 -5.97 1.39
HA CGU A 15 -2.52 -8.47 0.20
HB2 CGU A 15 -2.12 -7.25 -2.00
HB3 CGU A 15 -1.59 -5.87 -1.04
HG CGU A 15 -3.81 -6.11 0.23
N LEU A 16 0.63 -7.84 0.25
CA LEU A 16 1.92 -8.53 0.02
C LEU A 16 2.30 -9.23 1.31
N ALA A 17 1.85 -8.71 2.43
CA ALA A 17 2.16 -9.37 3.73
C ALA A 17 1.89 -10.86 3.56
N ASN A 18 0.82 -11.20 2.88
CA ASN A 18 0.54 -12.66 2.65
C ASN A 18 1.54 -13.22 1.60
N TYR A 19 2.26 -12.36 0.91
CA TYR A 19 3.25 -12.82 -0.10
C TYR A 19 4.00 -11.62 -0.71
N NH2 A 20 3.33 -10.69 -1.28
HN1 NH2 A 20 2.34 -10.75 -1.32
HN2 NH2 A 20 3.80 -9.91 -1.68
N GLY A 1 1.58 12.61 2.48
CA GLY A 1 1.26 11.15 2.59
C GLY A 1 0.44 10.70 1.38
N GLU A 2 -0.73 11.25 1.20
CA GLU A 2 -1.60 10.88 0.03
C GLU A 2 -0.76 10.69 -1.24
N CGU A 3 -0.06 11.70 -1.65
CA CGU A 3 0.78 11.62 -2.87
C CGU A 3 1.54 10.29 -2.92
O CGU A 3 1.58 9.63 -3.95
CB CGU A 3 1.77 12.80 -2.86
CG CGU A 3 2.59 12.87 -4.17
CD1 CGU A 3 3.55 11.68 -4.26
CD2 CGU A 3 1.64 12.89 -5.39
OE11 CGU A 3 3.60 11.05 -5.32
OE12 CGU A 3 4.22 11.40 -3.28
OE21 CGU A 3 1.15 11.83 -5.76
OE22 CGU A 3 1.42 13.95 -5.92
H CGU A 3 -0.11 12.54 -1.14
HA CGU A 3 0.15 11.70 -3.75
HB2 CGU A 3 2.47 12.67 -2.03
HB3 CGU A 3 1.22 13.72 -2.74
HG CGU A 3 3.16 13.78 -4.16
N CGU A 4 2.10 9.87 -1.82
CA CGU A 4 2.80 8.55 -1.81
C CGU A 4 1.76 7.47 -1.51
O CGU A 4 1.72 6.45 -2.15
CB CGU A 4 3.88 8.54 -0.71
CG CGU A 4 4.19 7.10 -0.27
CD1 CGU A 4 4.51 6.20 -1.48
CD2 CGU A 4 5.40 7.08 0.69
OE11 CGU A 4 4.20 5.02 -1.43
OE12 CGU A 4 5.07 6.72 -2.44
OE21 CGU A 4 6.28 7.90 0.52
OE22 CGU A 4 5.41 6.24 1.56
H CGU A 4 2.02 10.40 -1.00
HA CGU A 4 3.25 8.37 -2.77
HB2 CGU A 4 3.54 9.12 0.13
HB3 CGU A 4 4.78 8.99 -1.10
HG CGU A 4 3.33 6.70 0.25
N LEU A 5 0.91 7.72 -0.56
CA LEU A 5 -0.15 6.72 -0.23
C LEU A 5 -1.00 6.46 -1.48
N ALA A 6 -1.32 7.49 -2.24
CA ALA A 6 -2.13 7.27 -3.48
C ALA A 6 -1.49 6.18 -4.33
N CGU A 7 -0.18 6.19 -4.44
CA CGU A 7 0.52 5.13 -5.24
C CGU A 7 0.87 3.97 -4.31
O CGU A 7 1.66 3.09 -4.64
CB CGU A 7 1.80 5.65 -5.88
CG CGU A 7 1.85 7.18 -5.85
CD1 CGU A 7 3.09 7.70 -6.59
CD2 CGU A 7 0.60 7.80 -6.50
OE11 CGU A 7 3.99 6.91 -6.84
OE12 CGU A 7 3.10 8.88 -6.90
OE21 CGU A 7 0.33 8.96 -6.21
OE22 CGU A 7 -0.04 7.12 -7.28
H CGU A 7 0.33 6.89 -3.98
HA CGU A 7 -0.15 4.77 -6.00
HB2 CGU A 7 1.84 5.32 -6.91
HB3 CGU A 7 2.65 5.26 -5.35
HG CGU A 7 1.91 7.50 -4.82
N LYS A 8 0.32 3.97 -3.14
CA LYS A 8 0.61 2.89 -2.16
C LYS A 8 -0.66 2.13 -1.83
N ALA A 9 -1.65 2.81 -1.31
CA ALA A 9 -2.90 2.13 -0.93
C ALA A 9 -2.54 1.03 0.07
N PRO A 10 -2.41 1.38 1.34
CA PRO A 10 -2.01 0.45 2.45
C PRO A 10 -2.61 -0.97 2.38
N CGU A 11 -3.27 -1.29 1.30
CA CGU A 11 -3.84 -2.64 1.12
C CGU A 11 -2.76 -3.48 0.41
O CGU A 11 -2.72 -4.68 0.53
CB CGU A 11 -5.11 -2.52 0.26
CG CGU A 11 -5.40 -3.81 -0.51
CD1 CGU A 11 -5.62 -5.00 0.43
CD2 CGU A 11 -6.67 -3.64 -1.37
OE11 CGU A 11 -5.80 -6.11 -0.08
OE12 CGU A 11 -5.61 -4.80 1.64
OE21 CGU A 11 -7.23 -2.57 -1.36
OE22 CGU A 11 -7.05 -4.61 -2.01
H CGU A 11 -3.35 -0.65 0.57
HA CGU A 11 -4.07 -3.08 2.08
HB2 CGU A 11 -4.99 -1.70 -0.43
HB3 CGU A 11 -5.95 -2.31 0.92
HG CGU A 11 -4.56 -4.02 -1.17
N PHE A 12 -1.84 -2.81 -0.27
CA PHE A 12 -0.74 -3.53 -0.93
C PHE A 12 0.13 -4.15 0.18
N ALA A 13 0.32 -3.40 1.24
CA ALA A 13 1.12 -3.89 2.38
C ALA A 13 0.55 -5.23 2.82
N ARG A 14 -0.75 -5.32 2.90
CA ARG A 14 -1.38 -6.61 3.31
C ARG A 14 -1.34 -7.57 2.13
N CGU A 15 -1.53 -7.06 0.92
CA CGU A 15 -1.49 -7.95 -0.28
C CGU A 15 -0.15 -8.65 -0.35
O CGU A 15 -0.05 -9.75 -0.86
CB CGU A 15 -1.74 -7.15 -1.57
CG CGU A 15 -3.25 -6.85 -1.66
CD1 CGU A 15 -3.54 -5.79 -2.74
CD2 CGU A 15 -4.03 -8.13 -2.01
OE11 CGU A 15 -2.60 -5.19 -3.24
OE12 CGU A 15 -4.71 -5.60 -3.03
OE21 CGU A 15 -3.41 -9.11 -2.39
OE22 CGU A 15 -5.25 -8.09 -1.93
H CGU A 15 -1.67 -6.09 0.81
HA CGU A 15 -2.25 -8.71 -0.17
HB2 CGU A 15 -1.44 -7.73 -2.42
HB3 CGU A 15 -1.18 -6.23 -1.54
HG CGU A 15 -3.59 -6.48 -0.70
N LEU A 16 0.87 -8.07 0.21
CA LEU A 16 2.18 -8.78 0.23
C LEU A 16 2.38 -9.31 1.64
N ALA A 17 1.77 -8.69 2.61
CA ALA A 17 1.90 -9.20 4.01
C ALA A 17 1.66 -10.70 3.97
N ASN A 18 0.69 -11.13 3.21
CA ASN A 18 0.45 -12.61 3.12
C ASN A 18 1.56 -13.26 2.28
N TYR A 19 2.37 -12.48 1.59
CA TYR A 19 3.49 -13.02 0.78
C TYR A 19 4.29 -11.88 0.14
N NH2 A 20 3.69 -11.04 -0.63
HN1 NH2 A 20 2.73 -11.14 -0.81
HN2 NH2 A 20 4.20 -10.30 -1.04
N GLY A 1 2.00 13.47 0.70
CA GLY A 1 1.68 12.11 1.24
C GLY A 1 0.61 11.48 0.37
N GLU A 2 -0.43 12.21 0.09
CA GLU A 2 -1.53 11.74 -0.79
C GLU A 2 -0.95 10.95 -1.97
N CGU A 3 0.04 11.48 -2.64
CA CGU A 3 0.65 10.76 -3.79
C CGU A 3 1.30 9.49 -3.26
O CGU A 3 0.96 8.41 -3.67
CB CGU A 3 1.70 11.64 -4.48
CG CGU A 3 1.15 12.16 -5.83
CD1 CGU A 3 2.32 12.63 -6.70
CD2 CGU A 3 0.39 11.05 -6.57
OE11 CGU A 3 2.86 11.81 -7.44
OE12 CGU A 3 2.66 13.80 -6.63
OE21 CGU A 3 -0.77 11.24 -6.85
OE22 CGU A 3 1.00 10.03 -6.86
H CGU A 3 0.39 12.36 -2.36
HA CGU A 3 -0.13 10.51 -4.48
HB2 CGU A 3 2.59 11.05 -4.66
HB3 CGU A 3 1.93 12.49 -3.84
HG CGU A 3 0.48 12.99 -5.64
N CGU A 4 2.22 9.60 -2.33
CA CGU A 4 2.85 8.38 -1.76
C CGU A 4 1.71 7.45 -1.33
O CGU A 4 1.70 6.28 -1.64
CB CGU A 4 3.73 8.73 -0.56
CG CGU A 4 4.05 7.46 0.25
CD1 CGU A 4 4.66 6.38 -0.67
CD2 CGU A 4 5.06 7.77 1.36
OE11 CGU A 4 5.63 6.69 -1.35
OE12 CGU A 4 4.15 5.28 -0.68
OE21 CGU A 4 5.30 6.91 2.18
OE22 CGU A 4 5.58 8.89 1.37
H CGU A 4 2.46 10.49 -1.99
HA CGU A 4 3.43 7.88 -2.53
HB2 CGU A 4 3.21 9.43 0.07
HB3 CGU A 4 4.65 9.18 -0.91
HG CGU A 4 3.15 7.07 0.69
N LEU A 5 0.73 8.00 -0.65
CA LEU A 5 -0.43 7.17 -0.23
C LEU A 5 -1.08 6.61 -1.51
N ALA A 6 -1.32 7.46 -2.48
CA ALA A 6 -1.92 6.98 -3.75
C ALA A 6 -0.97 5.98 -4.40
N CGU A 7 0.32 6.22 -4.30
CA CGU A 7 1.32 5.29 -4.87
C CGU A 7 1.56 4.17 -3.86
O CGU A 7 2.58 3.50 -3.86
CB CGU A 7 2.65 6.03 -5.09
CG CGU A 7 2.42 7.32 -5.91
CD1 CGU A 7 3.57 8.31 -5.65
CD2 CGU A 7 2.37 7.00 -7.42
OE11 CGU A 7 3.59 9.35 -6.32
OE12 CGU A 7 4.39 8.05 -4.81
OE21 CGU A 7 2.33 5.83 -7.77
OE22 CGU A 7 2.37 7.95 -8.20
H CGU A 7 0.61 7.04 -3.82
HA CGU A 7 0.97 4.88 -5.81
HB2 CGU A 7 3.33 5.40 -5.60
HB3 CGU A 7 3.06 6.30 -4.12
HG CGU A 7 1.49 7.78 -5.63
N LYS A 8 0.63 3.99 -2.95
CA LYS A 8 0.80 2.93 -1.92
C LYS A 8 -0.50 2.19 -1.70
N ALA A 9 -1.51 2.87 -1.24
CA ALA A 9 -2.80 2.18 -0.95
C ALA A 9 -2.52 1.13 0.13
N PRO A 10 -2.49 1.54 1.39
CA PRO A 10 -2.17 0.67 2.57
C PRO A 10 -2.74 -0.77 2.53
N CGU A 11 -3.27 -1.17 1.42
CA CGU A 11 -3.77 -2.55 1.30
C CGU A 11 -2.65 -3.37 0.65
O CGU A 11 -2.59 -4.56 0.77
CB CGU A 11 -5.02 -2.58 0.41
CG CGU A 11 -6.18 -3.26 1.16
CD1 CGU A 11 -7.41 -3.36 0.26
CD2 CGU A 11 -5.76 -4.68 1.60
OE11 CGU A 11 -7.34 -4.04 -0.75
OE12 CGU A 11 -8.41 -2.75 0.59
OE21 CGU A 11 -5.84 -5.58 0.77
OE22 CGU A 11 -5.36 -4.84 2.74
H CGU A 11 -3.31 -0.58 0.65
HA CGU A 11 -4.00 -2.96 2.28
HB2 CGU A 11 -4.82 -3.13 -0.49
HB3 CGU A 11 -5.31 -1.57 0.16
HG CGU A 11 -6.42 -2.68 2.04
N PHE A 12 -1.74 -2.69 -0.01
CA PHE A 12 -0.59 -3.40 -0.65
C PHE A 12 0.23 -4.06 0.46
N ALA A 13 0.46 -3.34 1.54
CA ALA A 13 1.24 -3.88 2.67
C ALA A 13 0.71 -5.26 3.03
N ARG A 14 -0.58 -5.36 3.27
CA ARG A 14 -1.17 -6.68 3.63
C ARG A 14 -1.28 -7.56 2.38
N CGU A 15 -1.57 -6.96 1.22
CA CGU A 15 -1.68 -7.78 -0.02
C CGU A 15 -0.37 -8.51 -0.27
O CGU A 15 -0.37 -9.57 -0.86
CB CGU A 15 -2.05 -6.90 -1.21
CG CGU A 15 -3.53 -6.50 -1.08
CD1 CGU A 15 -3.86 -5.29 -1.96
CD2 CGU A 15 -4.45 -7.67 -1.50
OE11 CGU A 15 -5.04 -4.98 -2.08
OE12 CGU A 15 -2.95 -4.69 -2.50
OE21 CGU A 15 -3.95 -8.62 -2.06
OE22 CGU A 15 -5.64 -7.57 -1.24
H CGU A 15 -1.70 -5.99 1.19
HA CGU A 15 -2.45 -8.53 0.12
HB2 CGU A 15 -1.91 -7.45 -2.13
HB3 CGU A 15 -1.43 -6.01 -1.22
HG CGU A 15 -3.73 -6.25 -0.05
N LEU A 16 0.71 -8.00 0.22
CA LEU A 16 1.99 -8.75 0.06
C LEU A 16 2.32 -9.37 1.41
N ALA A 17 1.85 -8.78 2.47
CA ALA A 17 2.10 -9.36 3.82
C ALA A 17 1.80 -10.85 3.73
N ASN A 18 0.74 -11.21 3.05
CA ASN A 18 0.42 -12.66 2.90
C ASN A 18 1.42 -13.31 1.91
N TYR A 19 2.19 -12.52 1.20
CA TYR A 19 3.19 -13.07 0.24
C TYR A 19 3.99 -11.93 -0.41
N NH2 A 20 3.36 -11.02 -1.09
HN1 NH2 A 20 2.38 -11.07 -1.18
HN2 NH2 A 20 3.87 -10.29 -1.52
N GLY A 1 2.56 12.86 0.76
CA GLY A 1 1.81 11.78 1.47
C GLY A 1 0.68 11.27 0.57
N GLU A 2 -0.29 12.10 0.28
CA GLU A 2 -1.42 11.70 -0.60
C GLU A 2 -0.89 10.90 -1.80
N CGU A 3 -0.09 11.52 -2.61
CA CGU A 3 0.47 10.81 -3.80
C CGU A 3 1.19 9.55 -3.33
O CGU A 3 0.95 8.47 -3.84
CB CGU A 3 1.43 11.72 -4.57
CG CGU A 3 1.92 10.99 -5.82
CD1 CGU A 3 0.75 10.75 -6.79
CD2 CGU A 3 2.98 11.79 -6.57
OE11 CGU A 3 0.90 9.90 -7.66
OE12 CGU A 3 -0.25 11.43 -6.68
OE21 CGU A 3 3.50 12.76 -6.02
OE22 CGU A 3 3.28 11.42 -7.70
H CGU A 3 0.15 12.45 -2.45
HA CGU A 3 -0.34 10.53 -4.45
HB2 CGU A 3 2.30 11.96 -3.94
HB3 CGU A 3 0.92 12.64 -4.85
HG CGU A 3 2.33 10.04 -5.53
N CGU A 4 2.06 9.67 -2.35
CA CGU A 4 2.76 8.46 -1.85
C CGU A 4 1.69 7.46 -1.43
O CGU A 4 1.69 6.31 -1.81
CB CGU A 4 3.65 8.81 -0.65
CG CGU A 4 3.99 7.54 0.15
CD1 CGU A 4 4.61 6.47 -0.76
CD2 CGU A 4 4.99 7.87 1.28
OE11 CGU A 4 5.52 6.80 -1.50
OE12 CGU A 4 4.15 5.33 -0.72
OE21 CGU A 4 4.98 9.00 1.74
OE22 CGU A 4 5.75 6.99 1.65
H CGU A 4 2.22 10.54 -1.94
HA CGU A 4 3.36 8.02 -2.64
HB2 CGU A 4 3.13 9.50 -0.01
HB3 CGU A 4 4.57 9.26 -1.00
HG CGU A 4 3.09 7.14 0.60
N LEU A 5 0.72 7.93 -0.67
CA LEU A 5 -0.39 7.04 -0.26
C LEU A 5 -1.07 6.54 -1.53
N ALA A 6 -1.31 7.42 -2.48
CA ALA A 6 -1.94 6.98 -3.75
C ALA A 6 -1.00 5.97 -4.42
N CGU A 7 0.28 6.24 -4.41
CA CGU A 7 1.27 5.28 -5.00
C CGU A 7 1.53 4.17 -3.98
O CGU A 7 2.54 3.51 -4.00
CB CGU A 7 2.59 6.01 -5.27
CG CGU A 7 2.37 7.23 -6.19
CD1 CGU A 7 3.57 8.18 -6.08
CD2 CGU A 7 2.20 6.79 -7.66
OE11 CGU A 7 3.88 8.84 -7.07
OE12 CGU A 7 4.16 8.25 -5.01
OE21 CGU A 7 2.18 5.60 -7.91
OE22 CGU A 7 2.11 7.66 -8.52
H CGU A 7 0.60 7.06 -3.97
HA CGU A 7 0.87 4.87 -5.91
HB2 CGU A 7 3.27 5.32 -5.75
HB3 CGU A 7 3.00 6.34 -4.34
HG CGU A 7 1.47 7.76 -5.87
N LYS A 8 0.61 3.99 -3.06
CA LYS A 8 0.79 2.95 -2.02
C LYS A 8 -0.50 2.20 -1.78
N ALA A 9 -1.52 2.87 -1.34
CA ALA A 9 -2.80 2.18 -1.04
C ALA A 9 -2.51 1.14 0.05
N PRO A 10 -2.48 1.56 1.30
CA PRO A 10 -2.16 0.70 2.50
C PRO A 10 -2.72 -0.74 2.46
N CGU A 11 -3.26 -1.15 1.36
CA CGU A 11 -3.76 -2.53 1.23
C CGU A 11 -2.64 -3.34 0.61
O CGU A 11 -2.56 -4.54 0.74
CB CGU A 11 -5.00 -2.56 0.33
CG CGU A 11 -6.17 -3.22 1.08
CD1 CGU A 11 -7.39 -3.32 0.15
CD2 CGU A 11 -5.77 -4.62 1.54
OE11 CGU A 11 -7.29 -4.02 -0.86
OE12 CGU A 11 -8.39 -2.70 0.46
OE21 CGU A 11 -5.43 -4.76 2.71
OE22 CGU A 11 -5.80 -5.54 0.72
H CGU A 11 -3.30 -0.56 0.58
HA CGU A 11 -4.00 -2.93 2.21
HB2 CGU A 11 -4.79 -3.13 -0.57
HB3 CGU A 11 -5.27 -1.55 0.06
HG CGU A 11 -6.42 -2.62 1.94
N PHE A 12 -1.72 -2.67 -0.07
CA PHE A 12 -0.57 -3.38 -0.68
C PHE A 12 0.25 -4.04 0.43
N ALA A 13 0.46 -3.31 1.50
CA ALA A 13 1.25 -3.84 2.65
C ALA A 13 0.70 -5.22 3.02
N ARG A 14 -0.59 -5.31 3.25
CA ARG A 14 -1.19 -6.61 3.61
C ARG A 14 -1.28 -7.52 2.35
N CGU A 15 -1.56 -6.94 1.20
CA CGU A 15 -1.65 -7.77 -0.04
C CGU A 15 -0.34 -8.50 -0.26
O CGU A 15 -0.32 -9.57 -0.83
CB CGU A 15 -2.00 -6.89 -1.25
CG CGU A 15 -3.47 -6.48 -1.14
CD1 CGU A 15 -3.79 -5.31 -2.08
CD2 CGU A 15 -4.39 -7.66 -1.52
OE11 CGU A 15 -4.96 -4.95 -2.17
OE12 CGU A 15 -2.87 -4.78 -2.68
OE21 CGU A 15 -5.59 -7.55 -1.26
OE22 CGU A 15 -3.90 -8.63 -2.07
H CGU A 15 -1.69 -5.95 1.15
HA CGU A 15 -2.43 -8.51 0.10
HB2 CGU A 15 -1.84 -7.46 -2.16
HB3 CGU A 15 -1.37 -6.01 -1.26
HG CGU A 15 -3.69 -6.19 -0.13
N LEU A 16 0.75 -7.98 0.23
CA LEU A 16 2.01 -8.73 0.10
C LEU A 16 2.33 -9.33 1.46
N ALA A 17 1.85 -8.72 2.51
CA ALA A 17 2.10 -9.29 3.86
C ALA A 17 1.79 -10.78 3.80
N ASN A 18 0.73 -11.14 3.12
CA ASN A 18 0.40 -12.59 2.99
C ASN A 18 1.40 -13.27 2.02
N TYR A 19 2.18 -12.48 1.29
CA TYR A 19 3.19 -13.06 0.35
C TYR A 19 3.99 -11.92 -0.32
N NH2 A 20 3.36 -11.03 -1.00
HN1 NH2 A 20 2.38 -11.07 -1.08
HN2 NH2 A 20 3.87 -10.29 -1.43
N GLY A 1 -1.01 13.80 0.63
CA GLY A 1 -0.82 12.45 1.25
C GLY A 1 -1.21 11.37 0.25
N GLU A 2 -2.44 11.38 -0.19
CA GLU A 2 -2.93 10.37 -1.18
C GLU A 2 -1.91 10.23 -2.33
N CGU A 3 -1.69 11.28 -3.07
CA CGU A 3 -0.72 11.23 -4.21
C CGU A 3 0.58 10.56 -3.75
O CGU A 3 1.16 9.75 -4.44
CB CGU A 3 -0.45 12.66 -4.68
CG CGU A 3 0.14 12.70 -6.11
CD1 CGU A 3 1.68 12.86 -6.04
CD2 CGU A 3 -0.19 11.41 -6.88
OE11 CGU A 3 2.16 13.87 -6.53
OE12 CGU A 3 2.34 11.98 -5.52
OE21 CGU A 3 0.65 10.52 -6.92
OE22 CGU A 3 -1.28 11.33 -7.42
H CGU A 3 -2.16 12.11 -2.87
HA CGU A 3 -1.15 10.65 -5.01
HB2 CGU A 3 0.25 13.14 -3.99
HB3 CGU A 3 -1.39 13.22 -4.69
HG CGU A 3 -0.27 13.54 -6.63
N CGU A 4 1.03 10.90 -2.57
CA CGU A 4 2.28 10.27 -2.05
C CGU A 4 1.95 8.85 -1.60
O CGU A 4 2.66 7.91 -1.90
CB CGU A 4 2.80 11.07 -0.85
CG CGU A 4 2.86 12.58 -1.18
CD1 CGU A 4 3.14 12.82 -2.67
CD2 CGU A 4 1.53 13.25 -0.78
OE11 CGU A 4 4.06 12.20 -3.19
OE12 CGU A 4 2.45 13.64 -3.27
OE21 CGU A 4 1.54 14.03 0.16
OE22 CGU A 4 0.53 12.99 -1.40
H CGU A 4 0.55 11.55 -2.03
HA CGU A 4 3.03 10.25 -2.82
HB2 CGU A 4 3.78 10.73 -0.60
HB3 CGU A 4 2.14 10.93 -0.01
HG CGU A 4 3.66 13.01 -0.60
N LEU A 5 0.86 8.68 -0.90
CA LEU A 5 0.46 7.32 -0.44
C LEU A 5 0.04 6.47 -1.65
N ALA A 6 -0.63 7.06 -2.61
CA ALA A 6 -1.07 6.29 -3.81
C ALA A 6 0.13 5.54 -4.39
N CGU A 7 1.32 6.03 -4.14
CA CGU A 7 2.55 5.34 -4.64
C CGU A 7 2.80 4.10 -3.78
O CGU A 7 3.75 3.36 -4.00
CB CGU A 7 3.74 6.30 -4.54
CG CGU A 7 3.35 7.66 -5.12
CD1 CGU A 7 4.44 8.71 -4.86
CD2 CGU A 7 3.13 7.59 -6.64
OE11 CGU A 7 5.53 8.34 -4.47
OE12 CGU A 7 4.15 9.88 -5.08
OE21 CGU A 7 2.61 8.55 -7.17
OE22 CGU A 7 3.50 6.58 -7.22
H CGU A 7 1.39 6.84 -3.59
HA CGU A 7 2.40 5.05 -5.67
HB2 CGU A 7 4.57 5.90 -5.09
HB3 CGU A 7 4.02 6.42 -3.50
HG CGU A 7 2.44 8.00 -4.65
N LYS A 8 1.98 3.88 -2.81
CA LYS A 8 2.16 2.69 -1.94
C LYS A 8 0.82 2.22 -1.39
N ALA A 9 0.14 3.07 -0.66
CA ALA A 9 -1.16 2.67 -0.07
C ALA A 9 -0.90 1.44 0.80
N PRO A 10 -0.49 1.66 2.05
CA PRO A 10 -0.15 0.58 3.04
C PRO A 10 -1.08 -0.66 3.02
N CGU A 11 -1.94 -0.75 2.05
CA CGU A 11 -2.84 -1.92 1.92
C CGU A 11 -2.10 -2.93 1.04
O CGU A 11 -2.32 -4.12 1.11
CB CGU A 11 -4.16 -1.47 1.27
CG CGU A 11 -4.84 -2.62 0.54
CD1 CGU A 11 -5.22 -3.75 1.50
CD2 CGU A 11 -6.14 -2.12 -0.14
OE11 CGU A 11 -5.76 -4.75 1.04
OE12 CGU A 11 -4.98 -3.61 2.70
OE21 CGU A 11 -6.35 -0.92 -0.17
OE22 CGU A 11 -6.90 -2.96 -0.61
H CGU A 11 -1.98 -0.06 1.37
HA CGU A 11 -3.02 -2.36 2.90
HB2 CGU A 11 -3.95 -0.67 0.58
HB3 CGU A 11 -4.81 -1.09 2.04
HG CGU A 11 -4.17 -3.01 -0.22
N PHE A 12 -1.17 -2.46 0.23
CA PHE A 12 -0.37 -3.37 -0.62
C PHE A 12 0.47 -4.23 0.32
N ALA A 13 1.00 -3.61 1.35
CA ALA A 13 1.82 -4.34 2.34
C ALA A 13 1.03 -5.56 2.81
N ARG A 14 -0.20 -5.36 3.17
CA ARG A 14 -1.04 -6.50 3.62
C ARG A 14 -1.42 -7.36 2.41
N CGU A 15 -1.67 -6.74 1.27
CA CGU A 15 -2.05 -7.53 0.06
C CGU A 15 -0.93 -8.52 -0.28
O CGU A 15 -1.19 -9.57 -0.82
CB CGU A 15 -2.32 -6.62 -1.14
CG CGU A 15 -3.72 -6.00 -0.95
CD1 CGU A 15 -3.95 -4.87 -1.96
CD2 CGU A 15 -4.81 -7.05 -1.16
OE11 CGU A 15 -5.08 -4.40 -2.04
OE12 CGU A 15 -3.01 -4.48 -2.63
OE21 CGU A 15 -4.50 -8.13 -1.62
OE22 CGU A 15 -5.96 -6.76 -0.85
H CGU A 15 -1.60 -5.75 1.21
HA CGU A 15 -2.93 -8.11 0.28
HB2 CGU A 15 -2.32 -7.20 -2.05
HB3 CGU A 15 -1.58 -5.85 -1.20
HG CGU A 15 -3.79 -5.60 0.05
N LEU A 16 0.27 -8.22 0.09
CA LEU A 16 1.35 -9.22 -0.15
C LEU A 16 1.67 -9.88 1.17
N ALA A 17 1.40 -9.20 2.26
CA ALA A 17 1.66 -9.81 3.59
C ALA A 17 1.07 -11.21 3.57
N ASN A 18 -0.11 -11.36 2.99
CA ASN A 18 -0.70 -12.74 2.90
C ASN A 18 0.08 -13.58 1.88
N TYR A 19 0.92 -12.96 1.08
CA TYR A 19 1.74 -13.71 0.08
C TYR A 19 2.67 -12.74 -0.68
N NH2 A 20 2.17 -11.74 -1.33
HN1 NH2 A 20 1.18 -11.61 -1.32
HN2 NH2 A 20 2.76 -11.12 -1.82
N GLY A 1 2.86 10.91 1.94
CA GLY A 1 1.85 11.98 1.67
C GLY A 1 0.62 11.37 0.98
N GLU A 2 -0.30 12.18 0.48
CA GLU A 2 -1.52 11.62 -0.19
C GLU A 2 -1.13 10.90 -1.51
N CGU A 3 -0.63 11.63 -2.47
CA CGU A 3 -0.24 11.00 -3.76
C CGU A 3 0.74 9.87 -3.42
O CGU A 3 0.63 8.76 -3.94
CB CGU A 3 0.44 12.02 -4.68
CG CGU A 3 1.01 11.30 -5.91
CD1 CGU A 3 -0.11 10.66 -6.74
CD2 CGU A 3 1.78 12.27 -6.82
OE11 CGU A 3 0.21 9.86 -7.61
OE12 CGU A 3 -1.26 10.99 -6.52
OE21 CGU A 3 2.05 13.39 -6.40
OE22 CGU A 3 2.07 11.88 -7.95
H CGU A 3 -0.52 12.58 -2.34
HA CGU A 3 -1.12 10.59 -4.23
HB2 CGU A 3 1.25 12.51 -4.13
HB3 CGU A 3 -0.30 12.75 -5.00
HG CGU A 3 1.69 10.52 -5.58
N CGU A 4 1.65 10.13 -2.53
CA CGU A 4 2.60 9.08 -2.11
C CGU A 4 1.77 7.92 -1.56
O CGU A 4 1.94 6.78 -1.95
CB CGU A 4 3.52 9.66 -1.02
CG CGU A 4 4.31 8.54 -0.31
CD1 CGU A 4 5.48 9.17 0.45
CD2 CGU A 4 3.41 7.82 0.69
OE11 CGU A 4 6.59 8.72 0.27
OE12 CGU A 4 5.23 10.09 1.21
OE21 CGU A 4 2.80 8.49 1.52
OE22 CGU A 4 3.34 6.60 0.62
H CGU A 4 1.68 11.01 -2.12
HA CGU A 4 3.19 8.75 -2.95
HB2 CGU A 4 2.92 10.19 -0.30
HB3 CGU A 4 4.21 10.35 -1.48
HG CGU A 4 4.68 7.84 -1.05
N LEU A 5 0.82 8.21 -0.70
CA LEU A 5 -0.07 7.14 -0.17
C LEU A 5 -0.87 6.57 -1.35
N ALA A 6 -1.34 7.42 -2.23
CA ALA A 6 -2.11 6.92 -3.41
C ALA A 6 -1.22 6.00 -4.24
N CGU A 7 0.02 6.39 -4.46
CA CGU A 7 0.95 5.52 -5.24
C CGU A 7 1.28 4.28 -4.40
O CGU A 7 1.90 3.35 -4.87
CB CGU A 7 2.24 6.29 -5.54
CG CGU A 7 1.95 7.51 -6.43
CD1 CGU A 7 3.11 8.52 -6.34
CD2 CGU A 7 1.80 7.08 -7.92
OE11 CGU A 7 3.96 8.36 -5.48
OE12 CGU A 7 3.12 9.46 -7.12
OE21 CGU A 7 1.73 5.89 -8.17
OE22 CGU A 7 1.77 7.96 -8.76
H CGU A 7 0.34 7.25 -4.09
HA CGU A 7 0.48 5.23 -6.17
HB2 CGU A 7 2.94 5.63 -6.04
HB3 CGU A 7 2.67 6.62 -4.61
HG CGU A 7 1.03 7.98 -6.11
N LYS A 8 0.88 4.28 -3.15
CA LYS A 8 1.17 3.13 -2.27
C LYS A 8 -0.09 2.30 -2.04
N ALA A 9 -1.15 2.93 -1.61
CA ALA A 9 -2.40 2.17 -1.35
C ALA A 9 -2.10 1.12 -0.27
N PRO A 10 -2.14 1.51 0.99
CA PRO A 10 -1.84 0.64 2.17
C PRO A 10 -2.40 -0.80 2.07
N CGU A 11 -2.90 -1.17 0.93
CA CGU A 11 -3.41 -2.54 0.72
C CGU A 11 -2.26 -3.40 0.21
O CGU A 11 -2.23 -4.59 0.41
CB CGU A 11 -4.54 -2.51 -0.30
CG CGU A 11 -5.88 -2.81 0.39
CD1 CGU A 11 -7.01 -2.87 -0.64
CD2 CGU A 11 -5.80 -4.16 1.11
OE11 CGU A 11 -7.88 -2.03 -0.61
OE12 CGU A 11 -7.00 -3.79 -1.46
OE21 CGU A 11 -5.83 -4.16 2.32
OE22 CGU A 11 -5.71 -5.17 0.43
H CGU A 11 -2.89 -0.56 0.18
HA CGU A 11 -3.77 -2.93 1.66
HB2 CGU A 11 -4.36 -3.24 -1.06
HB3 CGU A 11 -4.59 -1.53 -0.76
HG CGU A 11 -6.09 -2.04 1.10
N PHE A 12 -1.27 -2.80 -0.43
CA PHE A 12 -0.12 -3.61 -0.92
C PHE A 12 0.58 -4.23 0.29
N ALA A 13 0.76 -3.45 1.33
CA ALA A 13 1.44 -3.94 2.56
C ALA A 13 0.82 -5.27 2.98
N ARG A 14 -0.47 -5.29 3.21
CA ARG A 14 -1.12 -6.56 3.63
C ARG A 14 -1.28 -7.50 2.42
N CGU A 15 -1.52 -6.96 1.24
CA CGU A 15 -1.68 -7.83 0.04
C CGU A 15 -0.43 -8.68 -0.13
O CGU A 15 -0.50 -9.78 -0.64
CB CGU A 15 -1.94 -7.01 -1.21
CG CGU A 15 -3.39 -6.50 -1.19
CD1 CGU A 15 -3.60 -5.40 -2.23
CD2 CGU A 15 -4.37 -7.65 -1.50
OE11 CGU A 15 -2.63 -4.86 -2.72
OE12 CGU A 15 -4.77 -5.08 -2.49
OE21 CGU A 15 -5.55 -7.46 -1.26
OE22 CGU A 15 -3.92 -8.67 -1.98
H CGU A 15 -1.59 -5.98 1.15
HA CGU A 15 -2.51 -8.49 0.21
HB2 CGU A 15 -1.79 -7.61 -2.09
HB3 CGU A 15 -1.25 -6.16 -1.25
HG CGU A 15 -3.61 -6.12 -0.20
N LEU A 16 0.70 -8.22 0.33
CA LEU A 16 1.91 -9.07 0.24
C LEU A 16 2.17 -9.62 1.63
N ALA A 17 1.75 -8.92 2.66
CA ALA A 17 1.96 -9.44 4.04
C ALA A 17 1.53 -10.90 4.05
N ASN A 18 0.46 -11.21 3.36
CA ASN A 18 0.04 -12.65 3.31
C ASN A 18 0.98 -13.45 2.39
N TYR A 19 1.81 -12.76 1.63
CA TYR A 19 2.79 -13.45 0.72
C TYR A 19 3.66 -12.42 -0.01
N NH2 A 20 3.11 -11.51 -0.74
HN1 NH2 A 20 2.13 -11.49 -0.81
HN2 NH2 A 20 3.68 -10.85 -1.21
N GLY A 1 2.36 13.27 0.46
CA GLY A 1 1.86 12.16 1.32
C GLY A 1 0.69 11.48 0.62
N GLU A 2 -0.41 12.17 0.50
CA GLU A 2 -1.62 11.61 -0.18
C GLU A 2 -1.20 10.88 -1.46
N CGU A 3 -0.63 11.58 -2.40
CA CGU A 3 -0.19 10.94 -3.66
C CGU A 3 0.80 9.82 -3.34
O CGU A 3 0.69 8.71 -3.83
CB CGU A 3 0.48 11.99 -4.57
CG CGU A 3 1.00 11.30 -5.84
CD1 CGU A 3 -0.18 10.73 -6.66
CD2 CGU A 3 1.75 12.29 -6.74
OE11 CGU A 3 0.09 9.94 -7.55
OE12 CGU A 3 -1.30 11.11 -6.40
OE21 CGU A 3 2.06 11.91 -7.87
OE22 CGU A 3 2.02 13.40 -6.30
H CGU A 3 -0.48 12.54 -2.27
HA CGU A 3 -1.04 10.53 -4.17
HB2 CGU A 3 1.32 12.43 -4.04
HB3 CGU A 3 -0.24 12.75 -4.84
HG CGU A 3 1.66 10.49 -5.57
N CGU A 4 1.75 10.09 -2.48
CA CGU A 4 2.73 9.05 -2.10
C CGU A 4 1.93 7.86 -1.55
O CGU A 4 2.16 6.72 -1.91
CB CGU A 4 3.66 9.60 -1.01
CG CGU A 4 4.58 10.68 -1.61
CD1 CGU A 4 3.76 11.73 -2.36
CD2 CGU A 4 5.36 11.37 -0.49
OE11 CGU A 4 4.00 11.92 -3.54
OE12 CGU A 4 2.88 12.33 -1.75
OE21 CGU A 4 6.57 11.26 -0.48
OE22 CGU A 4 4.72 12.00 0.35
H CGU A 4 1.81 10.98 -2.08
HA CGU A 4 3.30 8.73 -2.96
HB2 CGU A 4 4.26 8.80 -0.61
HB3 CGU A 4 3.07 10.03 -0.22
HG CGU A 4 5.28 10.21 -2.29
N LEU A 5 0.98 8.14 -0.71
CA LEU A 5 0.11 7.05 -0.18
C LEU A 5 -0.74 6.53 -1.33
N ALA A 6 -1.27 7.42 -2.14
CA ALA A 6 -2.09 6.98 -3.30
C ALA A 6 -1.24 6.07 -4.19
N CGU A 7 0.02 6.39 -4.34
CA CGU A 7 0.92 5.55 -5.18
C CGU A 7 1.28 4.30 -4.36
O CGU A 7 2.08 3.48 -4.77
CB CGU A 7 2.20 6.32 -5.50
CG CGU A 7 1.86 7.56 -6.38
CD1 CGU A 7 3.01 8.59 -6.29
CD2 CGU A 7 1.70 7.13 -7.85
OE11 CGU A 7 3.10 9.43 -7.18
OE12 CGU A 7 3.76 8.55 -5.33
OE21 CGU A 7 1.72 5.96 -8.12
OE22 CGU A 7 1.54 8.03 -8.69
H CGU A 7 0.37 7.19 -3.90
HA CGU A 7 0.42 5.26 -6.09
HB2 CGU A 7 2.88 5.69 -6.04
HB3 CGU A 7 2.66 6.66 -4.58
HG CGU A 7 0.95 8.01 -6.03
N LYS A 8 0.71 4.16 -3.18
CA LYS A 8 1.01 2.99 -2.33
C LYS A 8 -0.26 2.22 -2.01
N ALA A 9 -1.23 2.88 -1.43
CA ALA A 9 -2.49 2.17 -1.06
C ALA A 9 -2.12 1.06 -0.08
N PRO A 10 -2.02 1.37 1.20
CA PRO A 10 -1.63 0.42 2.28
C PRO A 10 -2.20 -1.00 2.12
N CGU A 11 -2.99 -1.23 1.11
CA CGU A 11 -3.52 -2.58 0.86
C CGU A 11 -2.38 -3.40 0.28
O CGU A 11 -2.36 -4.61 0.39
CB CGU A 11 -4.69 -2.50 -0.13
CG CGU A 11 -5.95 -3.11 0.49
CD1 CGU A 11 -7.09 -3.12 -0.54
CD2 CGU A 11 -5.68 -4.55 0.95
OE11 CGU A 11 -8.06 -2.43 -0.32
OE12 CGU A 11 -6.95 -3.81 -1.54
OE21 CGU A 11 -5.53 -5.41 0.08
OE22 CGU A 11 -5.65 -4.79 2.14
H CGU A 11 -3.18 -0.52 0.48
HA CGU A 11 -3.85 -3.02 1.79
HB2 CGU A 11 -4.43 -3.05 -1.03
HB3 CGU A 11 -4.86 -1.47 -0.38
HG CGU A 11 -6.25 -2.51 1.35
N PHE A 12 -1.41 -2.75 -0.34
CA PHE A 12 -0.25 -3.50 -0.91
C PHE A 12 0.49 -4.17 0.26
N ALA A 13 0.68 -3.43 1.32
CA ALA A 13 1.39 -3.97 2.50
C ALA A 13 0.72 -5.30 2.88
N ARG A 14 -0.58 -5.30 3.00
CA ARG A 14 -1.28 -6.56 3.36
C ARG A 14 -1.34 -7.50 2.16
N CGU A 15 -1.48 -6.98 0.96
CA CGU A 15 -1.55 -7.86 -0.25
C CGU A 15 -0.28 -8.69 -0.31
O CGU A 15 -0.28 -9.79 -0.83
CB CGU A 15 -1.70 -7.02 -1.52
CG CGU A 15 -3.15 -6.48 -1.58
CD1 CGU A 15 -3.25 -5.26 -2.52
CD2 CGU A 15 -4.10 -7.56 -2.11
OE11 CGU A 15 -4.34 -4.74 -2.63
OE12 CGU A 15 -2.24 -4.88 -3.09
OE21 CGU A 15 -3.64 -8.56 -2.63
OE22 CGU A 15 -5.31 -7.35 -1.99
H CGU A 15 -1.54 -5.99 0.86
HA CGU A 15 -2.38 -8.52 -0.14
HB2 CGU A 15 -1.51 -7.64 -2.39
HB3 CGU A 15 -1.00 -6.20 -1.51
HG CGU A 15 -3.45 -6.19 -0.60
N LEU A 16 0.78 -8.20 0.25
CA LEU A 16 2.02 -9.03 0.27
C LEU A 16 2.19 -9.56 1.70
N ALA A 17 1.67 -8.86 2.67
CA ALA A 17 1.78 -9.35 4.07
C ALA A 17 1.37 -10.82 4.07
N ASN A 18 0.37 -11.16 3.28
CA ASN A 18 -0.02 -12.60 3.22
C ASN A 18 1.02 -13.38 2.40
N TYR A 19 1.91 -12.69 1.73
CA TYR A 19 2.98 -13.37 0.92
C TYR A 19 3.89 -12.32 0.25
N NH2 A 20 3.37 -11.45 -0.55
HN1 NH2 A 20 2.38 -11.47 -0.72
HN2 NH2 A 20 3.94 -10.77 -0.98
N GLY A 1 0.71 12.96 2.58
CA GLY A 1 0.69 11.48 2.70
C GLY A 1 0.01 10.90 1.46
N GLU A 2 -1.19 11.35 1.19
CA GLU A 2 -1.95 10.91 -0.01
C GLU A 2 -1.00 10.78 -1.21
N CGU A 3 -0.20 11.77 -1.44
CA CGU A 3 0.77 11.74 -2.59
C CGU A 3 1.54 10.43 -2.59
O CGU A 3 1.69 9.78 -3.62
CB CGU A 3 1.72 12.94 -2.47
CG CGU A 3 2.64 13.06 -3.70
CD1 CGU A 3 3.64 11.89 -3.71
CD2 CGU A 3 1.80 13.06 -4.99
OE11 CGU A 3 4.21 11.60 -2.68
OE12 CGU A 3 3.82 11.30 -4.77
OE21 CGU A 3 1.59 14.13 -5.53
OE22 CGU A 3 1.39 11.99 -5.42
H CGU A 3 -0.22 12.54 -0.86
HA CGU A 3 0.20 11.81 -3.52
HB2 CGU A 3 2.33 12.81 -1.57
HB3 CGU A 3 1.12 13.85 -2.37
HG CGU A 3 3.19 13.99 -3.63
N CGU A 4 2.01 10.01 -1.45
CA CGU A 4 2.75 8.72 -1.38
C CGU A 4 1.71 7.62 -1.19
O CGU A 4 1.77 6.57 -1.80
CB CGU A 4 3.73 8.73 -0.19
CG CGU A 4 4.02 7.29 0.29
CD1 CGU A 4 4.45 6.41 -0.90
CD2 CGU A 4 5.14 7.30 1.33
OE11 CGU A 4 5.09 6.92 -1.80
OE12 CGU A 4 4.15 5.23 -0.87
OE21 CGU A 4 6.18 7.88 1.05
OE22 CGU A 4 4.95 6.73 2.38
H CGU A 4 1.86 10.53 -0.64
HA CGU A 4 3.29 8.55 -2.30
HB2 CGU A 4 3.29 9.29 0.62
HB3 CGU A 4 4.65 9.20 -0.50
HG CGU A 4 3.12 6.88 0.72
N LEU A 5 0.74 7.87 -0.34
CA LEU A 5 -0.32 6.85 -0.10
C LEU A 5 -1.04 6.54 -1.42
N ALA A 6 -1.35 7.54 -2.23
CA ALA A 6 -2.04 7.26 -3.53
C ALA A 6 -1.26 6.18 -4.28
N CGU A 7 0.04 6.27 -4.28
CA CGU A 7 0.86 5.23 -4.99
C CGU A 7 1.16 4.09 -4.00
O CGU A 7 2.05 3.28 -4.21
CB CGU A 7 2.18 5.78 -5.50
CG CGU A 7 2.20 7.32 -5.43
CD1 CGU A 7 3.49 7.86 -6.05
CD2 CGU A 7 1.02 7.93 -6.20
OE11 CGU A 7 3.55 9.06 -6.28
OE12 CGU A 7 4.41 7.08 -6.26
OE21 CGU A 7 0.43 7.23 -7.02
OE22 CGU A 7 0.74 9.09 -5.97
H CGU A 7 0.48 7.01 -3.79
HA CGU A 7 0.29 4.83 -5.80
HB2 CGU A 7 2.31 5.48 -6.53
HB3 CGU A 7 3.00 5.39 -4.90
HG CGU A 7 2.15 7.62 -4.40
N LYS A 8 0.45 4.05 -2.92
CA LYS A 8 0.67 2.99 -1.90
C LYS A 8 -0.60 2.22 -1.66
N ALA A 9 -1.64 2.89 -1.24
CA ALA A 9 -2.92 2.18 -0.95
C ALA A 9 -2.62 1.09 0.08
N PRO A 10 -2.60 1.43 1.35
CA PRO A 10 -2.29 0.50 2.49
C PRO A 10 -2.85 -0.92 2.36
N CGU A 11 -3.38 -1.27 1.23
CA CGU A 11 -3.90 -2.64 1.01
C CGU A 11 -2.77 -3.43 0.35
O CGU A 11 -2.72 -4.64 0.40
CB CGU A 11 -5.13 -2.55 0.11
CG CGU A 11 -5.32 -3.84 -0.70
CD1 CGU A 11 -5.52 -5.07 0.21
CD2 CGU A 11 -6.58 -3.72 -1.60
OE11 CGU A 11 -5.52 -4.90 1.42
OE12 CGU A 11 -5.68 -6.15 -0.33
OE21 CGU A 11 -7.27 -2.72 -1.52
OE22 CGU A 11 -6.84 -4.66 -2.35
H CGU A 11 -3.39 -0.64 0.49
HA CGU A 11 -4.16 -3.09 1.96
HB2 CGU A 11 -5.02 -1.72 -0.57
HB3 CGU A 11 -6.01 -2.39 0.72
HG CGU A 11 -4.46 -4.00 -1.33
N PHE A 12 -1.81 -2.73 -0.23
CA PHE A 12 -0.64 -3.43 -0.84
C PHE A 12 0.14 -4.07 0.30
N ALA A 13 0.36 -3.32 1.36
CA ALA A 13 1.09 -3.84 2.54
C ALA A 13 0.52 -5.21 2.88
N ARG A 14 -0.79 -5.31 2.96
CA ARG A 14 -1.42 -6.62 3.27
C ARG A 14 -1.31 -7.54 2.04
N CGU A 15 -1.40 -6.98 0.84
CA CGU A 15 -1.31 -7.85 -0.37
C CGU A 15 0.00 -8.61 -0.40
O CGU A 15 0.04 -9.73 -0.84
CB CGU A 15 -1.49 -7.02 -1.65
CG CGU A 15 -2.99 -6.77 -1.85
CD1 CGU A 15 -3.24 -5.68 -2.91
CD2 CGU A 15 -3.68 -8.05 -2.32
OE11 CGU A 15 -2.30 -5.04 -3.33
OE12 CGU A 15 -4.40 -5.50 -3.26
OE21 CGU A 15 -4.91 -8.08 -2.25
OE22 CGU A 15 -3.00 -8.96 -2.74
H CGU A 15 -1.53 -6.01 0.76
HA CGU A 15 -2.10 -8.58 -0.32
HB2 CGU A 15 -1.10 -7.57 -2.49
HB3 CGU A 15 -0.96 -6.08 -1.56
HG CGU A 15 -3.42 -6.45 -0.91
N LEU A 16 1.07 -8.05 0.09
CA LEU A 16 2.33 -8.86 0.11
C LEU A 16 2.55 -9.35 1.53
N ALA A 17 2.02 -8.65 2.49
CA ALA A 17 2.17 -9.10 3.90
C ALA A 17 1.80 -10.58 3.94
N ASN A 18 0.77 -10.97 3.23
CA ASN A 18 0.40 -12.42 3.23
C ASN A 18 1.40 -13.20 2.35
N TYR A 19 2.24 -12.51 1.59
CA TYR A 19 3.24 -13.21 0.73
C TYR A 19 4.11 -12.17 0.00
N NH2 A 20 3.55 -11.31 -0.79
HN1 NH2 A 20 2.56 -11.33 -0.90
HN2 NH2 A 20 4.10 -10.65 -1.27
N GLY A 1 2.06 13.41 0.82
CA GLY A 1 1.78 12.02 1.33
C GLY A 1 0.68 11.39 0.47
N GLU A 2 -0.35 12.16 0.21
CA GLU A 2 -1.48 11.70 -0.64
C GLU A 2 -0.95 10.92 -1.86
N CGU A 3 -0.02 11.49 -2.58
CA CGU A 3 0.53 10.79 -3.77
C CGU A 3 1.25 9.53 -3.31
O CGU A 3 1.00 8.45 -3.82
CB CGU A 3 1.50 11.70 -4.54
CG CGU A 3 1.99 10.94 -5.79
CD1 CGU A 3 0.83 10.69 -6.77
CD2 CGU A 3 3.07 11.74 -6.53
OE11 CGU A 3 -0.19 11.34 -6.65
OE12 CGU A 3 1.01 9.84 -7.63
OE21 CGU A 3 3.37 11.35 -7.66
OE22 CGU A 3 3.57 12.70 -5.99
H CGU A 3 0.33 12.36 -2.33
HA CGU A 3 -0.29 10.51 -4.42
HB2 CGU A 3 2.34 11.95 -3.92
HB3 CGU A 3 0.97 12.60 -4.85
HG CGU A 3 2.40 10.00 -5.48
N CGU A 4 2.12 9.63 -2.33
CA CGU A 4 2.81 8.41 -1.83
C CGU A 4 1.71 7.44 -1.41
O CGU A 4 1.71 6.28 -1.76
CB CGU A 4 3.71 8.75 -0.64
CG CGU A 4 4.07 7.48 0.14
CD1 CGU A 4 4.64 6.41 -0.83
CD2 CGU A 4 5.13 7.79 1.20
OE11 CGU A 4 4.18 5.28 -0.78
OE12 CGU A 4 5.53 6.75 -1.59
OE21 CGU A 4 5.39 8.95 1.44
OE22 CGU A 4 5.65 6.84 1.78
H CGU A 4 2.29 10.50 -1.92
HA CGU A 4 3.39 7.96 -2.62
HB2 CGU A 4 3.18 9.43 0.02
HB3 CGU A 4 4.61 9.23 -1.00
HG CGU A 4 3.19 7.08 0.61
N LEU A 5 0.74 7.94 -0.68
CA LEU A 5 -0.39 7.08 -0.27
C LEU A 5 -1.06 6.56 -1.54
N ALA A 6 -1.29 7.44 -2.50
CA ALA A 6 -1.90 7.00 -3.79
C ALA A 6 -0.96 5.98 -4.43
N CGU A 7 0.33 6.21 -4.38
CA CGU A 7 1.31 5.25 -4.95
C CGU A 7 1.55 4.14 -3.93
O CGU A 7 2.56 3.47 -3.94
CB CGU A 7 2.64 5.97 -5.21
CG CGU A 7 2.43 7.18 -6.14
CD1 CGU A 7 3.64 8.14 -6.01
CD2 CGU A 7 2.31 6.73 -7.60
OE11 CGU A 7 3.98 8.77 -6.99
OE12 CGU A 7 4.18 8.23 -4.92
OE21 CGU A 7 2.30 5.54 -7.85
OE22 CGU A 7 2.23 7.59 -8.47
H CGU A 7 0.65 7.02 -3.92
HA CGU A 7 0.93 4.84 -5.87
HB2 CGU A 7 3.33 5.28 -5.66
HB3 CGU A 7 3.04 6.31 -4.26
HG CGU A 7 1.53 7.71 -5.85
N LYS A 8 0.64 3.96 -3.02
CA LYS A 8 0.80 2.92 -1.99
C LYS A 8 -0.50 2.16 -1.75
N ALA A 9 -1.52 2.84 -1.29
CA ALA A 9 -2.79 2.15 -0.99
C ALA A 9 -2.48 1.10 0.09
N PRO A 10 -2.44 1.53 1.34
CA PRO A 10 -2.12 0.68 2.53
C PRO A 10 -2.68 -0.76 2.50
N CGU A 11 -3.27 -1.16 1.41
CA CGU A 11 -3.77 -2.54 1.30
C CGU A 11 -2.65 -3.35 0.66
O CGU A 11 -2.56 -4.55 0.82
CB CGU A 11 -5.02 -2.56 0.40
CG CGU A 11 -6.18 -3.22 1.15
CD1 CGU A 11 -7.40 -3.33 0.22
CD2 CGU A 11 -5.78 -4.63 1.61
OE11 CGU A 11 -8.42 -2.75 0.54
OE12 CGU A 11 -7.30 -4.01 -0.79
OE21 CGU A 11 -5.49 -4.78 2.79
OE22 CGU A 11 -5.78 -5.53 0.79
H CGU A 11 -3.32 -0.57 0.65
HA CGU A 11 -4.00 -2.93 2.28
HB2 CGU A 11 -4.80 -3.12 -0.50
HB3 CGU A 11 -5.28 -1.54 0.14
HG CGU A 11 -6.44 -2.62 2.01
N PHE A 12 -1.75 -2.68 -0.03
CA PHE A 12 -0.60 -3.39 -0.65
C PHE A 12 0.22 -4.04 0.47
N ALA A 13 0.34 -3.33 1.57
CA ALA A 13 1.10 -3.85 2.73
C ALA A 13 0.59 -5.25 3.07
N ARG A 14 -0.69 -5.37 3.33
CA ARG A 14 -1.27 -6.69 3.65
C ARG A 14 -1.33 -7.56 2.38
N CGU A 15 -1.59 -6.96 1.23
CA CGU A 15 -1.67 -7.76 -0.03
C CGU A 15 -0.35 -8.48 -0.26
O CGU A 15 -0.33 -9.53 -0.85
CB CGU A 15 -2.00 -6.86 -1.21
CG CGU A 15 -3.48 -6.44 -1.13
CD1 CGU A 15 -3.79 -5.29 -2.08
CD2 CGU A 15 -4.39 -7.63 -1.48
OE11 CGU A 15 -4.95 -4.88 -2.10
OE12 CGU A 15 -2.89 -4.84 -2.77
OE21 CGU A 15 -3.89 -8.62 -1.98
OE22 CGU A 15 -5.59 -7.51 -1.25
H CGU A 15 -1.73 -5.99 1.21
HA CGU A 15 -2.45 -8.51 0.08
HB2 CGU A 15 -1.84 -7.40 -2.13
HB3 CGU A 15 -1.37 -5.99 -1.20
HG CGU A 15 -3.69 -6.13 -0.11
N LEU A 16 0.73 -7.96 0.23
CA LEU A 16 2.01 -8.69 0.08
C LEU A 16 2.33 -9.32 1.43
N ALA A 17 1.86 -8.73 2.50
CA ALA A 17 2.11 -9.31 3.83
C ALA A 17 1.80 -10.81 3.74
N ASN A 18 0.74 -11.16 3.05
CA ASN A 18 0.44 -12.62 2.89
C ASN A 18 1.45 -13.27 1.91
N TYR A 19 2.22 -12.47 1.21
CA TYR A 19 3.25 -13.01 0.26
C TYR A 19 4.05 -11.87 -0.39
N NH2 A 20 3.41 -10.95 -1.04
HN1 NH2 A 20 2.43 -11.00 -1.12
HN2 NH2 A 20 3.93 -10.22 -1.47
N GLY A 1 2.63 12.79 1.05
CA GLY A 1 1.91 11.65 1.71
C GLY A 1 0.78 11.17 0.80
N GLU A 2 -0.21 12.00 0.63
CA GLU A 2 -1.38 11.65 -0.25
C GLU A 2 -0.91 10.92 -1.52
N CGU A 3 -0.12 11.57 -2.35
CA CGU A 3 0.36 10.91 -3.59
C CGU A 3 1.05 9.60 -3.22
O CGU A 3 0.67 8.56 -3.69
CB CGU A 3 1.35 11.83 -4.33
CG CGU A 3 0.69 12.45 -5.57
CD1 CGU A 3 1.78 12.96 -6.53
CD2 CGU A 3 -0.16 11.40 -6.32
OE11 CGU A 3 2.21 14.09 -6.35
OE12 CGU A 3 2.17 12.21 -7.42
OE21 CGU A 3 0.39 10.40 -6.76
OE22 CGU A 3 -1.36 11.62 -6.45
H CGU A 3 0.14 12.48 -2.14
HA CGU A 3 -0.49 10.71 -4.23
HB2 CGU A 3 2.21 11.24 -4.63
HB3 CGU A 3 1.66 12.63 -3.66
HG CGU A 3 0.05 13.27 -5.28
N CGU A 4 2.04 9.65 -2.37
CA CGU A 4 2.73 8.39 -1.96
C CGU A 4 1.64 7.42 -1.50
O CGU A 4 1.59 6.29 -1.92
CB CGU A 4 3.70 8.67 -0.82
CG CGU A 4 4.87 7.68 -0.88
CD1 CGU A 4 4.32 6.24 -0.86
CD2 CGU A 4 5.71 7.89 -2.16
OE11 CGU A 4 4.00 5.77 0.22
OE12 CGU A 4 4.23 5.61 -1.91
OE21 CGU A 4 6.55 7.05 -2.44
OE22 CGU A 4 5.51 8.90 -2.82
H CGU A 4 2.33 10.51 -1.99
HA CGU A 4 3.25 7.97 -2.81
HB2 CGU A 4 3.20 8.58 0.13
HB3 CGU A 4 4.09 9.68 -0.91
HG CGU A 4 5.49 7.83 -0.03
N LEU A 5 0.75 7.87 -0.66
CA LEU A 5 -0.35 7.00 -0.20
C LEU A 5 -1.13 6.56 -1.44
N ALA A 6 -1.44 7.50 -2.31
CA ALA A 6 -2.18 7.13 -3.56
C ALA A 6 -1.31 6.16 -4.37
N CGU A 7 -0.04 6.42 -4.42
CA CGU A 7 0.90 5.51 -5.16
C CGU A 7 1.24 4.34 -4.25
O CGU A 7 2.22 3.64 -4.44
CB CGU A 7 2.20 6.27 -5.48
CG CGU A 7 1.89 7.62 -6.18
CD1 CGU A 7 3.06 8.58 -5.98
CD2 CGU A 7 1.68 7.41 -7.69
OE11 CGU A 7 2.98 9.70 -6.48
OE12 CGU A 7 4.02 8.21 -5.32
OE21 CGU A 7 1.63 8.41 -8.40
OE22 CGU A 7 1.57 6.27 -8.11
H CGU A 7 0.33 7.20 -3.96
HA CGU A 7 0.44 5.16 -6.07
HB2 CGU A 7 2.81 5.67 -6.13
HB3 CGU A 7 2.73 6.46 -4.56
HG CGU A 7 0.99 8.04 -5.75
N LYS A 8 0.45 4.12 -3.24
CA LYS A 8 0.73 3.00 -2.30
C LYS A 8 -0.53 2.23 -1.96
N ALA A 9 -1.47 2.86 -1.31
CA ALA A 9 -2.71 2.12 -0.90
C ALA A 9 -2.25 0.94 -0.03
N PRO A 10 -2.06 1.17 1.26
CA PRO A 10 -1.58 0.13 2.21
C PRO A 10 -2.15 -1.26 1.93
N CGU A 11 -3.18 -1.33 1.13
CA CGU A 11 -3.74 -2.64 0.74
C CGU A 11 -2.61 -3.44 0.08
O CGU A 11 -2.58 -4.64 0.13
CB CGU A 11 -4.88 -2.40 -0.25
CG CGU A 11 -5.21 -3.70 -1.02
CD1 CGU A 11 -5.80 -4.76 -0.08
CD2 CGU A 11 -6.25 -3.41 -2.13
OE11 CGU A 11 -6.00 -5.88 -0.53
OE12 CGU A 11 -6.03 -4.45 1.09
OE21 CGU A 11 -6.82 -4.38 -2.62
OE22 CGU A 11 -6.44 -2.26 -2.46
H CGU A 11 -3.54 -0.52 0.73
HA CGU A 11 -4.10 -3.16 1.61
HB2 CGU A 11 -4.60 -1.64 -0.96
HB3 CGU A 11 -5.77 -2.08 0.28
HG CGU A 11 -4.32 -4.08 -1.47
N PHE A 12 -1.65 -2.74 -0.50
CA PHE A 12 -0.50 -3.45 -1.12
C PHE A 12 0.36 -4.04 0.00
N ALA A 13 0.57 -3.27 1.04
CA ALA A 13 1.37 -3.74 2.19
C ALA A 13 0.78 -5.05 2.68
N ARG A 14 -0.50 -5.08 2.94
CA ARG A 14 -1.14 -6.34 3.41
C ARG A 14 -1.24 -7.33 2.23
N CGU A 15 -1.47 -6.84 1.03
CA CGU A 15 -1.56 -7.77 -0.14
C CGU A 15 -0.30 -8.60 -0.22
O CGU A 15 -0.33 -9.73 -0.66
CB CGU A 15 -1.75 -7.01 -1.47
CG CGU A 15 -3.25 -6.73 -1.70
CD1 CGU A 15 -3.43 -5.75 -2.87
CD2 CGU A 15 -3.99 -8.03 -2.04
OE11 CGU A 15 -2.47 -5.11 -3.26
OE12 CGU A 15 -4.55 -5.65 -3.36
OE21 CGU A 15 -5.21 -7.98 -2.10
OE22 CGU A 15 -3.34 -9.04 -2.24
H CGU A 15 -1.56 -5.86 0.90
HA CGU A 15 -2.40 -8.44 0.01
HB2 CGU A 15 -1.37 -7.61 -2.28
HB3 CGU A 15 -1.21 -6.08 -1.44
HG CGU A 15 -3.67 -6.30 -0.81
N LEU A 16 0.81 -8.07 0.21
CA LEU A 16 2.04 -8.91 0.20
C LEU A 16 2.31 -9.36 1.62
N ALA A 17 1.86 -8.61 2.59
CA ALA A 17 2.08 -9.03 4.00
C ALA A 17 1.67 -10.50 4.11
N ASN A 18 0.60 -10.88 3.43
CA ASN A 18 0.21 -12.32 3.48
C ASN A 18 1.17 -13.15 2.61
N TYR A 19 1.98 -12.50 1.81
CA TYR A 19 2.97 -13.22 0.95
C TYR A 19 3.83 -12.22 0.16
N NH2 A 20 3.25 -11.38 -0.63
HN1 NH2 A 20 2.27 -11.38 -0.71
HN2 NH2 A 20 3.80 -10.73 -1.15
N GLY A 1 1.99 13.56 0.69
CA GLY A 1 1.62 12.27 1.37
C GLY A 1 0.54 11.54 0.57
N GLU A 2 -0.57 12.19 0.32
CA GLU A 2 -1.69 11.57 -0.46
C GLU A 2 -1.13 10.83 -1.68
N CGU A 3 -0.51 11.54 -2.58
CA CGU A 3 0.05 10.87 -3.79
C CGU A 3 0.93 9.71 -3.35
O CGU A 3 0.72 8.57 -3.73
CB CGU A 3 0.90 11.86 -4.60
CG CGU A 3 0.17 12.24 -5.91
CD1 CGU A 3 1.17 12.90 -6.88
CD2 CGU A 3 -0.40 10.98 -6.59
OE11 CGU A 3 1.09 14.10 -7.06
OE12 CGU A 3 2.00 12.19 -7.44
OE21 CGU A 3 -1.61 10.87 -6.65
OE22 CGU A 3 0.38 10.15 -7.03
H CGU A 3 -0.40 12.50 -2.46
HA CGU A 3 -0.76 10.50 -4.40
HB2 CGU A 3 1.86 11.42 -4.84
HB3 CGU A 3 1.05 12.78 -4.02
HG CGU A 3 -0.63 12.92 -5.70
N CGU A 4 1.91 9.98 -2.52
CA CGU A 4 2.80 8.89 -2.04
C CGU A 4 1.92 7.78 -1.48
O CGU A 4 2.12 6.62 -1.77
CB CGU A 4 3.71 9.45 -0.93
CG CGU A 4 4.48 10.68 -1.42
CD1 CGU A 4 4.72 10.60 -2.94
CD2 CGU A 4 3.68 11.96 -1.09
OE11 CGU A 4 5.59 9.83 -3.33
OE12 CGU A 4 4.04 11.29 -3.68
OE21 CGU A 4 4.20 12.78 -0.36
OE22 CGU A 4 2.56 12.10 -1.56
H CGU A 4 2.06 10.90 -2.22
HA CGU A 4 3.40 8.52 -2.84
HB2 CGU A 4 4.42 8.68 -0.65
HB3 CGU A 4 3.12 9.71 -0.08
HG CGU A 4 5.43 10.73 -0.92
N LEU A 5 0.93 8.13 -0.70
CA LEU A 5 0.02 7.08 -0.15
C LEU A 5 -0.78 6.51 -1.32
N ALA A 6 -1.26 7.37 -2.21
CA ALA A 6 -2.03 6.85 -3.38
C ALA A 6 -1.11 5.95 -4.21
N CGU A 7 0.14 6.32 -4.34
CA CGU A 7 1.10 5.47 -5.10
C CGU A 7 1.44 4.25 -4.24
O CGU A 7 2.28 3.45 -4.59
CB CGU A 7 2.38 6.26 -5.39
CG CGU A 7 2.05 7.58 -6.12
CD1 CGU A 7 3.19 8.60 -5.91
CD2 CGU A 7 1.90 7.34 -7.63
OE11 CGU A 7 2.99 9.75 -6.26
OE12 CGU A 7 4.23 8.20 -5.43
OE21 CGU A 7 1.67 6.21 -8.02
OE22 CGU A 7 2.01 8.31 -8.38
H CGU A 7 0.46 7.13 -3.90
HA CGU A 7 0.64 5.14 -6.03
HB2 CGU A 7 3.04 5.67 -6.01
HB3 CGU A 7 2.88 6.49 -4.46
HG CGU A 7 1.13 7.99 -5.73
N LYS A 8 0.81 4.13 -3.11
CA LYS A 8 1.08 2.99 -2.20
C LYS A 8 -0.21 2.23 -1.90
N ALA A 9 -1.20 2.91 -1.40
CA ALA A 9 -2.47 2.22 -1.05
C ALA A 9 -2.15 1.13 -0.02
N PRO A 10 -2.09 1.49 1.25
CA PRO A 10 -1.76 0.55 2.38
C PRO A 10 -2.36 -0.86 2.25
N CGU A 11 -3.02 -1.16 1.17
CA CGU A 11 -3.56 -2.51 0.96
C CGU A 11 -2.42 -3.35 0.39
O CGU A 11 -2.39 -4.55 0.55
CB CGU A 11 -4.72 -2.45 -0.05
CG CGU A 11 -6.01 -2.96 0.60
CD1 CGU A 11 -7.14 -2.99 -0.43
CD2 CGU A 11 -5.81 -4.39 1.15
OE11 CGU A 11 -7.08 -3.82 -1.33
OE12 CGU A 11 -8.05 -2.19 -0.31
OE21 CGU A 11 -5.66 -5.29 0.35
OE22 CGU A 11 -5.82 -4.55 2.35
H CGU A 11 -3.12 -0.49 0.48
HA CGU A 11 -3.89 -2.92 1.90
HB2 CGU A 11 -4.48 -3.06 -0.90
HB3 CGU A 11 -4.86 -1.43 -0.37
HG CGU A 11 -6.29 -2.30 1.42
N PHE A 12 -1.46 -2.70 -0.24
CA PHE A 12 -0.30 -3.46 -0.79
C PHE A 12 0.42 -4.14 0.39
N ALA A 13 0.59 -3.40 1.46
CA ALA A 13 1.28 -3.96 2.66
C ALA A 13 0.67 -5.31 3.01
N ARG A 14 -0.62 -5.36 3.25
CA ARG A 14 -1.26 -6.65 3.59
C ARG A 14 -1.35 -7.55 2.34
N CGU A 15 -1.56 -6.96 1.17
CA CGU A 15 -1.65 -7.79 -0.07
C CGU A 15 -0.38 -8.60 -0.24
O CGU A 15 -0.40 -9.67 -0.80
CB CGU A 15 -1.89 -6.91 -1.30
CG CGU A 15 -3.35 -6.44 -1.30
CD1 CGU A 15 -3.56 -5.31 -2.32
CD2 CGU A 15 -4.29 -7.60 -1.69
OE11 CGU A 15 -2.60 -4.90 -2.94
OE12 CGU A 15 -4.69 -4.86 -2.45
OE21 CGU A 15 -3.79 -8.63 -2.13
OE22 CGU A 15 -5.49 -7.43 -1.55
H CGU A 15 -1.65 -5.98 1.12
HA CGU A 15 -2.48 -8.48 0.04
HB2 CGU A 15 -1.69 -7.48 -2.19
HB3 CGU A 15 -1.23 -6.06 -1.27
HG CGU A 15 -3.62 -6.10 -0.32
N LEU A 16 0.71 -8.12 0.28
CA LEU A 16 1.96 -8.93 0.19
C LEU A 16 2.20 -9.53 1.56
N ALA A 17 1.74 -8.88 2.60
CA ALA A 17 1.92 -9.43 3.97
C ALA A 17 1.54 -10.91 3.91
N ASN A 18 0.49 -11.23 3.19
CA ASN A 18 0.11 -12.67 3.07
C ASN A 18 1.11 -13.40 2.15
N TYR A 19 1.95 -12.67 1.45
CA TYR A 19 2.96 -13.30 0.54
C TYR A 19 3.84 -12.22 -0.10
N NH2 A 20 3.29 -11.29 -0.82
HN1 NH2 A 20 2.31 -11.28 -0.93
HN2 NH2 A 20 3.86 -10.59 -1.23
N GLY A 1 1.65 13.64 0.42
CA GLY A 1 1.09 12.53 1.26
C GLY A 1 0.10 11.73 0.42
N GLU A 2 -1.01 12.33 0.07
CA GLU A 2 -2.04 11.64 -0.75
C GLU A 2 -1.37 10.86 -1.90
N CGU A 3 -0.70 11.55 -2.78
CA CGU A 3 -0.02 10.88 -3.92
C CGU A 3 0.96 9.86 -3.35
O CGU A 3 0.99 8.71 -3.78
CB CGU A 3 0.72 11.91 -4.77
CG CGU A 3 1.50 11.18 -5.88
CD1 CGU A 3 0.54 10.47 -6.83
CD2 CGU A 3 2.33 12.18 -6.71
OE11 CGU A 3 1.02 9.66 -7.61
OE12 CGU A 3 -0.65 10.74 -6.79
OE21 CGU A 3 2.91 11.73 -7.70
OE22 CGU A 3 2.38 13.34 -6.36
H CGU A 3 -0.66 12.53 -2.70
HA CGU A 3 -0.76 10.38 -4.53
HB2 CGU A 3 1.42 12.46 -4.14
HB3 CGU A 3 0.00 12.60 -5.22
HG CGU A 3 2.17 10.47 -5.43
N CGU A 4 1.75 10.24 -2.39
CA CGU A 4 2.70 9.30 -1.77
C CGU A 4 1.92 8.10 -1.26
O CGU A 4 2.27 6.96 -1.49
CB CGU A 4 3.41 10.00 -0.59
CG CGU A 4 4.34 11.11 -1.11
CD1 CGU A 4 3.57 12.04 -2.05
CD2 CGU A 4 4.86 11.93 0.07
OE11 CGU A 4 3.96 12.14 -3.20
OE12 CGU A 4 2.60 12.65 -1.61
OE21 CGU A 4 4.05 12.48 0.81
OE22 CGU A 4 6.07 12.00 0.23
H CGU A 4 1.68 11.16 -2.05
HA CGU A 4 3.44 8.99 -2.49
HB2 CGU A 4 3.98 9.27 -0.05
HB3 CGU A 4 2.66 10.43 0.06
HG CGU A 4 5.16 10.66 -1.63
N LEU A 5 0.80 8.35 -0.63
CA LEU A 5 -0.06 7.24 -0.15
C LEU A 5 -0.70 6.58 -1.37
N ALA A 6 -1.16 7.37 -2.32
CA ALA A 6 -1.78 6.79 -3.55
C ALA A 6 -0.75 5.90 -4.24
N CGU A 7 0.50 6.30 -4.23
CA CGU A 7 1.56 5.46 -4.86
C CGU A 7 1.82 4.26 -3.97
O CGU A 7 2.74 3.48 -4.19
CB CGU A 7 2.85 6.28 -4.99
CG CGU A 7 2.67 7.44 -5.99
CD1 CGU A 7 3.75 8.52 -5.76
CD2 CGU A 7 2.77 6.95 -7.44
OE11 CGU A 7 3.89 9.38 -6.61
OE12 CGU A 7 4.41 8.47 -4.74
OE21 CGU A 7 2.79 7.79 -8.33
OE22 CGU A 7 2.84 5.74 -7.64
H CGU A 7 0.75 7.15 -3.80
HA CGU A 7 1.25 5.14 -5.84
HB2 CGU A 7 3.66 5.65 -5.33
HB3 CGU A 7 3.11 6.68 -4.01
HG CGU A 7 1.69 7.89 -5.83
N LYS A 8 1.03 4.08 -2.94
CA LYS A 8 1.23 2.94 -2.02
C LYS A 8 -0.09 2.24 -1.72
N ALA A 9 -1.02 2.94 -1.14
CA ALA A 9 -2.31 2.29 -0.79
C ALA A 9 -1.99 1.15 0.20
N PRO A 10 -1.84 1.48 1.48
CA PRO A 10 -1.49 0.52 2.58
C PRO A 10 -2.15 -0.87 2.49
N CGU A 11 -2.79 -1.16 1.39
CA CGU A 11 -3.40 -2.49 1.21
C CGU A 11 -2.38 -3.37 0.49
O CGU A 11 -2.43 -4.57 0.56
CB CGU A 11 -4.67 -2.36 0.34
CG CGU A 11 -5.89 -2.82 1.13
CD1 CGU A 11 -7.13 -2.83 0.20
CD2 CGU A 11 -5.67 -4.25 1.65
OE11 CGU A 11 -8.01 -2.03 0.44
OE12 CGU A 11 -7.16 -3.64 -0.71
OE21 CGU A 11 -5.62 -5.16 0.85
OE22 CGU A 11 -5.54 -4.41 2.86
H CGU A 11 -2.84 -0.51 0.67
HA CGU A 11 -3.65 -2.92 2.17
HB2 CGU A 11 -4.56 -2.94 -0.55
HB3 CGU A 11 -4.80 -1.31 0.07
HG CGU A 11 -6.07 -2.16 1.96
N PHE A 12 -1.43 -2.76 -0.19
CA PHE A 12 -0.39 -3.56 -0.89
C PHE A 12 0.48 -4.28 0.16
N ALA A 13 0.90 -3.55 1.16
CA ALA A 13 1.75 -4.14 2.23
C ALA A 13 1.05 -5.39 2.76
N ARG A 14 -0.23 -5.31 2.96
CA ARG A 14 -0.98 -6.49 3.48
C ARG A 14 -1.27 -7.48 2.34
N CGU A 15 -1.55 -6.97 1.14
CA CGU A 15 -1.82 -7.88 -0.01
C CGU A 15 -0.61 -8.76 -0.24
O CGU A 15 -0.73 -9.86 -0.72
CB CGU A 15 -2.15 -7.06 -1.27
CG CGU A 15 -3.56 -6.48 -1.12
CD1 CGU A 15 -3.80 -5.31 -2.08
CD2 CGU A 15 -4.64 -7.55 -1.40
OE11 CGU A 15 -2.87 -4.95 -2.79
OE12 CGU A 15 -4.90 -4.79 -2.08
OE21 CGU A 15 -4.29 -8.59 -1.95
OE22 CGU A 15 -5.78 -7.31 -1.07
H CGU A 15 -1.56 -5.99 1.02
HA CGU A 15 -2.66 -8.51 0.24
HB2 CGU A 15 -2.12 -7.71 -2.13
HB3 CGU A 15 -1.43 -6.26 -1.38
HG CGU A 15 -3.69 -6.13 -0.10
N LEU A 16 0.54 -8.31 0.16
CA LEU A 16 1.73 -9.19 0.02
C LEU A 16 2.06 -9.73 1.41
N ALA A 17 1.69 -9.01 2.43
CA ALA A 17 1.94 -9.51 3.82
C ALA A 17 1.50 -10.95 3.87
N ASN A 18 0.37 -11.26 3.27
CA ASN A 18 -0.08 -12.70 3.26
C ASN A 18 0.81 -13.51 2.30
N TYR A 19 1.62 -12.85 1.50
CA TYR A 19 2.54 -13.57 0.56
C TYR A 19 3.38 -12.56 -0.23
N NH2 A 20 2.80 -11.68 -0.97
HN1 NH2 A 20 1.82 -11.67 -1.02
HN2 NH2 A 20 3.34 -11.03 -1.48
N GLY A 1 3.01 10.58 1.94
CA GLY A 1 2.07 11.71 1.74
C GLY A 1 0.79 11.20 1.05
N GLU A 2 -0.10 12.08 0.62
CA GLU A 2 -1.36 11.63 -0.04
C GLU A 2 -1.05 10.92 -1.36
N CGU A 3 -0.49 11.61 -2.32
CA CGU A 3 -0.16 10.96 -3.62
C CGU A 3 0.78 9.80 -3.33
O CGU A 3 0.64 8.71 -3.86
CB CGU A 3 0.51 11.97 -4.56
CG CGU A 3 0.88 11.25 -5.87
CD1 CGU A 3 -0.39 10.76 -6.59
CD2 CGU A 3 1.62 12.20 -6.83
OE11 CGU A 3 -0.24 9.97 -7.51
OE12 CGU A 3 -1.46 11.19 -6.25
OE21 CGU A 3 1.72 11.86 -8.01
OE22 CGU A 3 2.06 13.25 -6.39
H CGU A 3 -0.28 12.54 -2.17
HA CGU A 3 -1.07 10.59 -4.07
HB2 CGU A 3 1.42 12.35 -4.10
HB3 CGU A 3 -0.18 12.79 -4.77
HG CGU A 3 1.52 10.42 -5.66
N CGU A 4 1.73 10.02 -2.46
CA CGU A 4 2.66 8.93 -2.07
C CGU A 4 1.81 7.77 -1.57
O CGU A 4 1.96 6.64 -2.01
CB CGU A 4 3.60 9.45 -0.97
CG CGU A 4 4.40 8.30 -0.34
CD1 CGU A 4 5.58 8.88 0.45
CD2 CGU A 4 3.52 7.51 0.64
OE11 CGU A 4 6.68 8.37 0.29
OE12 CGU A 4 5.36 9.82 1.19
OE21 CGU A 4 3.39 6.31 0.46
OE22 CGU A 4 2.98 8.12 1.55
H CGU A 4 1.80 10.89 -2.02
HA CGU A 4 3.24 8.62 -2.93
HB2 CGU A 4 3.02 9.94 -0.22
HB3 CGU A 4 4.29 10.16 -1.41
HG CGU A 4 4.77 7.63 -1.11
N LEU A 5 0.88 8.04 -0.69
CA LEU A 5 -0.02 6.95 -0.20
C LEU A 5 -0.88 6.50 -1.39
N ALA A 6 -1.35 7.44 -2.18
CA ALA A 6 -2.19 7.07 -3.35
C ALA A 6 -1.39 6.14 -4.26
N CGU A 7 -0.12 6.43 -4.47
CA CGU A 7 0.73 5.55 -5.32
C CGU A 7 1.14 4.33 -4.48
O CGU A 7 1.99 3.54 -4.88
CB CGU A 7 1.98 6.32 -5.77
CG CGU A 7 1.57 7.55 -6.61
CD1 CGU A 7 2.73 8.57 -6.65
CD2 CGU A 7 1.23 7.13 -8.06
OE11 CGU A 7 2.77 9.37 -7.58
OE12 CGU A 7 3.56 8.54 -5.76
OE21 CGU A 7 1.20 5.94 -8.32
OE22 CGU A 7 0.99 8.02 -8.87
H CGU A 7 0.27 7.23 -4.04
HA CGU A 7 0.16 5.22 -6.18
HB2 CGU A 7 2.60 5.67 -6.36
HB3 CGU A 7 2.53 6.64 -4.89
HG CGU A 7 0.71 8.02 -6.15
N LYS A 8 0.57 4.18 -3.32
CA LYS A 8 0.92 3.04 -2.43
C LYS A 8 -0.33 2.22 -2.11
N ALA A 9 -1.33 2.84 -1.56
CA ALA A 9 -2.57 2.09 -1.19
C ALA A 9 -2.15 0.97 -0.23
N PRO A 10 -2.06 1.28 1.06
CA PRO A 10 -1.63 0.31 2.11
C PRO A 10 -2.16 -1.11 1.89
N CGU A 11 -3.07 -1.29 0.98
CA CGU A 11 -3.56 -2.65 0.68
C CGU A 11 -2.40 -3.44 0.08
O CGU A 11 -2.35 -4.64 0.19
CB CGU A 11 -4.72 -2.58 -0.32
CG CGU A 11 -6.00 -3.14 0.33
CD1 CGU A 11 -7.11 -3.25 -0.72
CD2 CGU A 11 -5.72 -4.55 0.90
OE11 CGU A 11 -8.12 -2.56 -0.56
OE12 CGU A 11 -6.95 -4.00 -1.66
OE21 CGU A 11 -5.65 -4.67 2.11
OE22 CGU A 11 -5.60 -5.47 0.11
H CGU A 11 -3.37 -0.54 0.44
HA CGU A 11 -3.89 -3.12 1.59
HB2 CGU A 11 -4.49 -3.16 -1.19
HB3 CGU A 11 -4.89 -1.54 -0.60
HG CGU A 11 -6.31 -2.49 1.13
N PHE A 12 -1.45 -2.77 -0.53
CA PHE A 12 -0.29 -3.51 -1.09
C PHE A 12 0.48 -4.13 0.09
N ALA A 13 0.66 -3.36 1.13
CA ALA A 13 1.38 -3.85 2.34
C ALA A 13 0.73 -5.16 2.79
N ARG A 14 -0.57 -5.16 2.98
CA ARG A 14 -1.25 -6.41 3.41
C ARG A 14 -1.31 -7.40 2.23
N CGU A 15 -1.47 -6.91 1.02
CA CGU A 15 -1.53 -7.84 -0.15
C CGU A 15 -0.26 -8.67 -0.22
O CGU A 15 -0.28 -9.79 -0.67
CB CGU A 15 -1.74 -7.06 -1.45
CG CGU A 15 -3.21 -6.62 -1.53
CD1 CGU A 15 -3.40 -5.54 -2.61
CD2 CGU A 15 -4.13 -7.81 -1.87
OE11 CGU A 15 -4.51 -5.04 -2.72
OE12 CGU A 15 -2.45 -5.23 -3.30
OE21 CGU A 15 -5.33 -7.60 -1.86
OE22 CGU A 15 -3.62 -8.87 -2.14
H CGU A 15 -1.53 -5.94 0.88
HA CGU A 15 -2.36 -8.53 0.00
HB2 CGU A 15 -1.52 -7.71 -2.29
HB3 CGU A 15 -1.08 -6.20 -1.48
HG CGU A 15 -3.50 -6.22 -0.57
N LEU A 16 0.82 -8.15 0.28
CA LEU A 16 2.05 -8.99 0.29
C LEU A 16 2.27 -9.46 1.72
N ALA A 17 1.77 -8.73 2.68
CA ALA A 17 1.92 -9.16 4.09
C ALA A 17 1.51 -10.63 4.16
N ASN A 18 0.46 -11.00 3.45
CA ASN A 18 0.06 -12.43 3.46
C ASN A 18 1.06 -13.26 2.63
N TYR A 19 1.92 -12.61 1.87
CA TYR A 19 2.94 -13.32 1.05
C TYR A 19 3.83 -12.31 0.32
N NH2 A 20 3.30 -11.47 -0.50
HN1 NH2 A 20 2.33 -11.48 -0.63
HN2 NH2 A 20 3.87 -10.81 -0.98
N GLY A 1 2.62 12.92 1.06
CA GLY A 1 2.06 11.66 1.64
C GLY A 1 0.88 11.16 0.79
N GLU A 2 -0.15 11.95 0.66
CA GLU A 2 -1.34 11.54 -0.15
C GLU A 2 -0.89 10.85 -1.44
N CGU A 3 -0.18 11.55 -2.30
CA CGU A 3 0.27 10.93 -3.57
C CGU A 3 1.04 9.64 -3.27
O CGU A 3 0.73 8.60 -3.81
CB CGU A 3 1.16 11.90 -4.36
CG CGU A 3 1.54 11.24 -5.69
CD1 CGU A 3 0.29 11.06 -6.57
CD2 CGU A 3 2.55 12.08 -6.48
OE11 CGU A 3 -0.70 11.73 -6.33
OE12 CGU A 3 0.36 10.25 -7.49
OE21 CGU A 3 2.77 11.75 -7.63
OE22 CGU A 3 3.06 13.04 -5.93
H CGU A 3 0.05 12.47 -2.09
HA CGU A 3 -0.60 10.69 -4.17
HB2 CGU A 3 2.06 12.12 -3.78
HB3 CGU A 3 0.61 12.83 -4.55
HG CGU A 3 1.97 10.27 -5.49
N CGU A 4 2.00 9.68 -2.38
CA CGU A 4 2.73 8.43 -2.04
C CGU A 4 1.69 7.44 -1.57
O CGU A 4 1.65 6.30 -2.01
CB CGU A 4 3.76 8.70 -0.94
CG CGU A 4 4.21 7.36 -0.32
CD1 CGU A 4 4.66 6.38 -1.41
CD2 CGU A 4 5.39 7.59 0.63
OE11 CGU A 4 4.25 5.23 -1.37
OE12 CGU A 4 5.41 6.79 -2.28
OE21 CGU A 4 6.24 8.43 0.32
OE22 CGU A 4 5.44 6.94 1.66
H CGU A 4 2.21 10.53 -1.93
HA CGU A 4 3.22 8.06 -2.92
HB2 CGU A 4 3.32 9.32 -0.17
HB3 CGU A 4 4.62 9.21 -1.36
HG CGU A 4 3.39 6.92 0.23
N LEU A 5 0.81 7.86 -0.70
CA LEU A 5 -0.27 6.95 -0.24
C LEU A 5 -1.07 6.52 -1.46
N ALA A 6 -1.38 7.45 -2.33
CA ALA A 6 -2.13 7.10 -3.56
C ALA A 6 -1.27 6.12 -4.37
N CGU A 7 0.01 6.38 -4.45
CA CGU A 7 0.92 5.45 -5.19
C CGU A 7 1.27 4.29 -4.25
O CGU A 7 2.27 3.62 -4.41
CB CGU A 7 2.21 6.20 -5.54
CG CGU A 7 1.91 7.48 -6.35
CD1 CGU A 7 3.12 8.43 -6.28
CD2 CGU A 7 1.63 7.14 -7.83
OE11 CGU A 7 3.76 8.48 -5.24
OE12 CGU A 7 3.39 9.10 -7.27
OE21 CGU A 7 1.58 5.96 -8.16
OE22 CGU A 7 1.45 8.07 -8.60
H CGU A 7 0.37 7.18 -4.01
HA CGU A 7 0.44 5.08 -6.08
HB2 CGU A 7 2.85 5.54 -6.13
HB3 CGU A 7 2.72 6.46 -4.64
HG CGU A 7 1.05 7.96 -5.93
N LYS A 8 0.45 4.06 -3.26
CA LYS A 8 0.73 2.96 -2.31
C LYS A 8 -0.53 2.19 -1.97
N ALA A 9 -1.48 2.84 -1.36
CA ALA A 9 -2.72 2.12 -0.96
C ALA A 9 -2.30 0.97 -0.04
N PRO A 10 -2.13 1.24 1.23
CA PRO A 10 -1.68 0.23 2.25
C PRO A 10 -2.25 -1.18 2.01
N CGU A 11 -3.24 -1.28 1.18
CA CGU A 11 -3.80 -2.61 0.85
C CGU A 11 -2.68 -3.41 0.17
O CGU A 11 -2.65 -4.61 0.23
CB CGU A 11 -5.00 -2.42 -0.10
CG CGU A 11 -5.32 -3.73 -0.83
CD1 CGU A 11 -5.75 -4.82 0.17
CD2 CGU A 11 -6.47 -3.52 -1.81
OE11 CGU A 11 -5.94 -4.51 1.34
OE12 CGU A 11 -5.89 -5.96 -0.26
OE21 CGU A 11 -6.98 -4.52 -2.33
OE22 CGU A 11 -6.84 -2.38 -2.05
H CGU A 11 -3.58 -0.50 0.72
HA CGU A 11 -4.11 -3.11 1.76
HB2 CGU A 11 -4.75 -1.65 -0.83
HB3 CGU A 11 -5.85 -2.09 0.47
HG CGU A 11 -4.45 -4.06 -1.37
N PHE A 12 -1.74 -2.71 -0.42
CA PHE A 12 -0.59 -3.42 -1.07
C PHE A 12 0.27 -4.02 0.05
N ALA A 13 0.44 -3.27 1.12
CA ALA A 13 1.25 -3.76 2.26
C ALA A 13 0.66 -5.07 2.73
N ARG A 14 -0.64 -5.10 2.97
CA ARG A 14 -1.27 -6.37 3.41
C ARG A 14 -1.30 -7.35 2.23
N CGU A 15 -1.51 -6.86 1.02
CA CGU A 15 -1.53 -7.77 -0.17
C CGU A 15 -0.23 -8.56 -0.24
O CGU A 15 -0.21 -9.68 -0.70
CB CGU A 15 -1.74 -7.01 -1.48
CG CGU A 15 -3.23 -6.74 -1.68
CD1 CGU A 15 -3.47 -5.76 -2.83
CD2 CGU A 15 -3.97 -8.05 -2.00
OE11 CGU A 15 -4.63 -5.61 -3.21
OE12 CGU A 15 -2.51 -5.18 -3.31
OE21 CGU A 15 -5.20 -8.03 -1.99
OE22 CGU A 15 -3.31 -9.03 -2.29
H CGU A 15 -1.63 -5.88 0.89
HA CGU A 15 -2.34 -8.48 -0.04
HB2 CGU A 15 -1.37 -7.60 -2.30
HB3 CGU A 15 -1.21 -6.07 -1.44
HG CGU A 15 -3.64 -6.33 -0.76
N LEU A 16 0.84 -8.02 0.24
CA LEU A 16 2.09 -8.80 0.24
C LEU A 16 2.34 -9.29 1.66
N ALA A 17 1.80 -8.60 2.63
CA ALA A 17 1.96 -9.06 4.04
C ALA A 17 1.63 -10.54 4.08
N ASN A 18 0.61 -10.95 3.37
CA ASN A 18 0.29 -12.42 3.35
C ASN A 18 1.33 -13.17 2.50
N TYR A 19 2.13 -12.45 1.74
CA TYR A 19 3.19 -13.11 0.91
C TYR A 19 4.03 -12.04 0.18
N NH2 A 20 3.43 -11.21 -0.61
HN1 NH2 A 20 2.46 -11.26 -0.73
HN2 NH2 A 20 3.96 -10.51 -1.08
N GLY A 1 1.46 13.09 1.89
CA GLY A 1 1.53 11.60 1.96
C GLY A 1 0.67 11.00 0.86
N GLU A 2 -0.55 11.44 0.78
CA GLU A 2 -1.49 11.00 -0.29
C GLU A 2 -0.75 10.83 -1.62
N CGU A 3 0.06 11.78 -1.98
CA CGU A 3 0.83 11.70 -3.26
C CGU A 3 1.60 10.36 -3.30
O CGU A 3 1.59 9.66 -4.30
CB CGU A 3 1.80 12.89 -3.32
CG CGU A 3 2.57 12.91 -4.66
CD1 CGU A 3 3.60 11.76 -4.70
CD2 CGU A 3 1.59 12.78 -5.85
OE11 CGU A 3 4.35 11.65 -3.74
OE12 CGU A 3 3.62 11.02 -5.67
OE21 CGU A 3 1.28 13.78 -6.45
OE22 CGU A 3 1.16 11.66 -6.13
H CGU A 3 0.18 12.55 -1.39
HA CGU A 3 0.14 11.74 -4.08
HB2 CGU A 3 2.52 12.81 -2.50
HB3 CGU A 3 1.23 13.82 -3.23
HG CGU A 3 3.09 13.85 -4.75
N CGU A 4 2.25 10.02 -2.23
CA CGU A 4 2.99 8.72 -2.19
C CGU A 4 2.01 7.62 -1.76
O CGU A 4 2.03 6.53 -2.26
CB CGU A 4 4.15 8.82 -1.18
CG CGU A 4 4.70 7.42 -0.87
CD1 CGU A 4 5.15 6.72 -2.16
CD2 CGU A 4 5.90 7.53 0.07
OE11 CGU A 4 5.68 7.39 -3.04
OE12 CGU A 4 4.96 5.52 -2.26
OE21 CGU A 4 5.76 7.15 1.22
OE22 CGU A 4 6.95 7.99 -0.37
H CGU A 4 2.22 10.58 -1.44
HA CGU A 4 3.37 8.49 -3.17
HB2 CGU A 4 3.80 9.28 -0.28
HB3 CGU A 4 4.94 9.42 -1.61
HG CGU A 4 3.93 6.83 -0.40
N LEU A 5 1.15 7.93 -0.82
CA LEU A 5 0.17 6.92 -0.35
C LEU A 5 -0.82 6.59 -1.47
N ALA A 6 -1.23 7.56 -2.24
CA ALA A 6 -2.18 7.27 -3.36
C ALA A 6 -1.67 6.11 -4.20
N CGU A 7 -0.45 6.20 -4.69
CA CGU A 7 0.10 5.09 -5.52
C CGU A 7 0.38 3.90 -4.61
O CGU A 7 0.44 2.76 -5.05
CB CGU A 7 1.41 5.48 -6.23
CG CGU A 7 1.64 7.00 -6.18
CD1 CGU A 7 2.89 7.39 -6.98
CD2 CGU A 7 0.44 7.74 -6.78
OE11 CGU A 7 3.51 6.51 -7.55
OE12 CGU A 7 3.19 8.57 -7.00
OE21 CGU A 7 -0.39 7.13 -7.42
OE22 CGU A 7 0.38 8.96 -6.58
H CGU A 7 0.08 7.01 -4.50
HA CGU A 7 -0.63 4.80 -6.26
HB2 CGU A 7 1.37 5.16 -7.26
HB3 CGU A 7 2.24 4.99 -5.74
HG CGU A 7 1.77 7.29 -5.15
N LYS A 8 0.54 4.15 -3.34
CA LYS A 8 0.81 3.05 -2.38
C LYS A 8 -0.47 2.28 -2.09
N ALA A 9 -1.47 2.95 -1.58
CA ALA A 9 -2.73 2.25 -1.23
C ALA A 9 -2.39 1.15 -0.22
N PRO A 10 -2.32 1.50 1.05
CA PRO A 10 -1.97 0.56 2.19
C PRO A 10 -2.53 -0.87 2.07
N CGU A 11 -3.10 -1.22 0.96
CA CGU A 11 -3.61 -2.59 0.78
C CGU A 11 -2.48 -3.43 0.17
O CGU A 11 -2.45 -4.62 0.31
CB CGU A 11 -4.80 -2.57 -0.18
CG CGU A 11 -6.06 -3.08 0.54
CD1 CGU A 11 -7.21 -3.23 -0.46
CD2 CGU A 11 -5.78 -4.46 1.16
OE11 CGU A 11 -8.16 -2.47 -0.35
OE12 CGU A 11 -7.12 -4.10 -1.32
OE21 CGU A 11 -5.76 -4.54 2.38
OE22 CGU A 11 -5.60 -5.40 0.41
H CGU A 11 -3.15 -0.58 0.22
HA CGU A 11 -3.90 -3.00 1.72
HB2 CGU A 11 -4.60 -3.19 -1.03
HB3 CGU A 11 -4.97 -1.55 -0.51
HG CGU A 11 -6.34 -2.38 1.31
N PHE A 12 -1.53 -2.78 -0.47
CA PHE A 12 -0.39 -3.54 -1.07
C PHE A 12 0.43 -4.15 0.07
N ALA A 13 0.75 -3.36 1.07
CA ALA A 13 1.54 -3.84 2.22
C ALA A 13 0.90 -5.12 2.75
N ARG A 14 -0.39 -5.12 2.89
CA ARG A 14 -1.10 -6.32 3.40
C ARG A 14 -1.24 -7.37 2.29
N CGU A 15 -1.47 -6.93 1.05
CA CGU A 15 -1.61 -7.91 -0.07
C CGU A 15 -0.33 -8.72 -0.18
O CGU A 15 -0.36 -9.85 -0.62
CB CGU A 15 -1.90 -7.17 -1.38
CG CGU A 15 -3.36 -6.68 -1.34
CD1 CGU A 15 -3.59 -5.57 -2.37
CD2 CGU A 15 -4.33 -7.84 -1.67
OE11 CGU A 15 -2.63 -5.14 -3.00
OE12 CGU A 15 -4.74 -5.15 -2.50
OE21 CGU A 15 -5.50 -7.68 -1.40
OE22 CGU A 15 -3.88 -8.84 -2.19
H CGU A 15 -1.54 -5.97 0.88
HA CGU A 15 -2.42 -8.58 0.16
HB2 CGU A 15 -1.77 -7.85 -2.22
HB3 CGU A 15 -1.22 -6.34 -1.48
HG CGU A 15 -3.58 -6.31 -0.36
N LEU A 16 0.77 -8.19 0.26
CA LEU A 16 2.01 -9.00 0.24
C LEU A 16 2.28 -9.45 1.67
N ALA A 17 1.81 -8.70 2.64
CA ALA A 17 2.00 -9.11 4.05
C ALA A 17 1.65 -10.59 4.15
N ASN A 18 0.59 -10.99 3.49
CA ASN A 18 0.23 -12.44 3.53
C ASN A 18 1.22 -13.25 2.67
N TYR A 19 2.03 -12.59 1.87
CA TYR A 19 3.04 -13.30 1.02
C TYR A 19 3.88 -12.28 0.24
N NH2 A 20 3.29 -11.45 -0.55
HN1 NH2 A 20 2.30 -11.49 -0.64
HN2 NH2 A 20 3.82 -10.79 -1.06
N GLY A 1 1.95 13.50 0.46
CA GLY A 1 1.62 12.26 1.24
C GLY A 1 0.49 11.52 0.53
N GLU A 2 -0.60 12.21 0.33
CA GLU A 2 -1.76 11.63 -0.38
C GLU A 2 -1.30 10.89 -1.65
N CGU A 3 -0.57 11.55 -2.51
CA CGU A 3 -0.08 10.89 -3.75
C CGU A 3 0.89 9.78 -3.34
O CGU A 3 0.83 8.66 -3.82
CB CGU A 3 0.63 11.91 -4.63
CG CGU A 3 1.24 11.21 -5.86
CD1 CGU A 3 0.13 10.58 -6.72
CD2 CGU A 3 2.02 12.19 -6.73
OE11 CGU A 3 0.47 9.77 -7.57
OE12 CGU A 3 -1.03 10.93 -6.54
OE21 CGU A 3 2.22 13.31 -6.32
OE22 CGU A 3 2.41 11.78 -7.83
H CGU A 3 -0.33 12.48 -2.32
HA CGU A 3 -0.92 10.45 -4.27
HB2 CGU A 3 1.42 12.40 -4.06
HB3 CGU A 3 -0.10 12.66 -4.97
HG CGU A 3 1.90 10.43 -5.51
N CGU A 4 1.80 10.08 -2.44
CA CGU A 4 2.76 9.06 -1.96
C CGU A 4 1.95 7.89 -1.44
O CGU A 4 2.21 6.74 -1.75
CB CGU A 4 3.61 9.66 -0.84
CG CGU A 4 4.54 10.74 -1.40
CD1 CGU A 4 3.72 11.80 -2.16
CD2 CGU A 4 5.28 11.43 -0.25
OE11 CGU A 4 4.00 12.02 -3.32
OE12 CGU A 4 2.82 12.37 -1.56
OE21 CGU A 4 4.64 12.16 0.51
OE22 CGU A 4 6.48 11.23 -0.13
H CGU A 4 1.82 10.99 -2.05
HA CGU A 4 3.39 8.74 -2.78
HB2 CGU A 4 4.21 8.87 -0.40
HB3 CGU A 4 2.97 10.08 -0.09
HG CGU A 4 5.26 10.30 -2.07
N LEU A 5 0.92 8.17 -0.68
CA LEU A 5 0.05 7.09 -0.17
C LEU A 5 -0.73 6.53 -1.35
N ALA A 6 -1.22 7.39 -2.22
CA ALA A 6 -1.96 6.90 -3.41
C ALA A 6 -1.04 5.98 -4.22
N CGU A 7 0.21 6.32 -4.30
CA CGU A 7 1.19 5.45 -5.03
C CGU A 7 1.51 4.24 -4.15
O CGU A 7 2.34 3.42 -4.48
CB CGU A 7 2.48 6.24 -5.31
CG CGU A 7 2.19 7.45 -6.23
CD1 CGU A 7 3.31 8.49 -6.09
CD2 CGU A 7 2.11 6.99 -7.69
OE11 CGU A 7 3.41 9.34 -6.97
OE12 CGU A 7 4.06 8.42 -5.13
OE21 CGU A 7 2.05 7.85 -8.57
OE22 CGU A 7 2.10 5.79 -7.93
H CGU A 7 0.54 7.14 -3.87
HA CGU A 7 0.75 5.12 -5.97
HB2 CGU A 7 3.20 5.59 -5.77
HB3 CGU A 7 2.87 6.60 -4.36
HG CGU A 7 1.25 7.90 -5.94
N LYS A 8 0.85 4.14 -3.02
CA LYS A 8 1.10 3.00 -2.09
C LYS A 8 -0.20 2.25 -1.82
N ALA A 9 -1.20 2.93 -1.34
CA ALA A 9 -2.48 2.25 -1.01
C ALA A 9 -2.17 1.14 0.01
N PRO A 10 -2.12 1.48 1.28
CA PRO A 10 -1.81 0.54 2.42
C PRO A 10 -2.42 -0.88 2.29
N CGU A 11 -2.98 -1.20 1.16
CA CGU A 11 -3.53 -2.54 0.94
C CGU A 11 -2.42 -3.39 0.33
O CGU A 11 -2.42 -4.60 0.44
CB CGU A 11 -4.72 -2.46 -0.03
CG CGU A 11 -5.99 -2.98 0.67
CD1 CGU A 11 -7.14 -3.05 -0.35
CD2 CGU A 11 -5.75 -4.38 1.24
OE11 CGU A 11 -7.05 -3.86 -1.26
OE12 CGU A 11 -8.07 -2.29 -0.21
OE21 CGU A 11 -5.69 -4.50 2.45
OE22 CGU A 11 -5.63 -5.31 0.45
H CGU A 11 -2.99 -0.55 0.43
HA CGU A 11 -3.85 -2.98 1.88
HB2 CGU A 11 -4.52 -3.05 -0.90
HB3 CGU A 11 -4.87 -1.43 -0.32
HG CGU A 11 -6.26 -2.30 1.47
N PHE A 12 -1.45 -2.77 -0.32
CA PHE A 12 -0.34 -3.54 -0.91
C PHE A 12 0.45 -4.22 0.22
N ALA A 13 0.76 -3.46 1.24
CA ALA A 13 1.52 -4.00 2.40
C ALA A 13 0.87 -5.30 2.86
N ARG A 14 -0.43 -5.28 3.01
CA ARG A 14 -1.15 -6.49 3.46
C ARG A 14 -1.30 -7.48 2.29
N CGU A 15 -1.51 -6.97 1.08
CA CGU A 15 -1.67 -7.88 -0.10
C CGU A 15 -0.42 -8.72 -0.25
O CGU A 15 -0.46 -9.82 -0.75
CB CGU A 15 -1.93 -7.07 -1.37
CG CGU A 15 -3.37 -6.56 -1.35
CD1 CGU A 15 -3.60 -5.48 -2.41
CD2 CGU A 15 -4.35 -7.71 -1.65
OE11 CGU A 15 -4.68 -4.92 -2.43
OE12 CGU A 15 -2.68 -5.21 -3.18
OE21 CGU A 15 -5.55 -7.49 -1.45
OE22 CGU A 15 -3.92 -8.77 -2.06
H CGU A 15 -1.56 -5.99 0.96
HA CGU A 15 -2.50 -8.54 0.08
HB2 CGU A 15 -1.78 -7.71 -2.24
HB3 CGU A 15 -1.24 -6.24 -1.42
HG CGU A 15 -3.60 -6.16 -0.38
N LEU A 16 0.70 -8.23 0.23
CA LEU A 16 1.92 -9.07 0.16
C LEU A 16 2.18 -9.60 1.56
N ALA A 17 1.71 -8.90 2.57
CA ALA A 17 1.90 -9.39 3.96
C ALA A 17 1.51 -10.87 3.97
N ASN A 18 0.44 -11.20 3.29
CA ASN A 18 0.05 -12.65 3.24
C ASN A 18 1.02 -13.43 2.33
N TYR A 19 1.85 -12.74 1.57
CA TYR A 19 2.84 -13.42 0.68
C TYR A 19 3.71 -12.37 -0.04
N NH2 A 20 3.14 -11.49 -0.79
HN1 NH2 A 20 2.16 -11.50 -0.89
HN2 NH2 A 20 3.69 -10.81 -1.25
N GLY A 1 -1.36 13.59 0.41
CA GLY A 1 -1.36 12.26 1.10
C GLY A 1 -1.67 11.17 0.08
N GLU A 2 -2.87 11.15 -0.42
CA GLU A 2 -3.26 10.13 -1.45
C GLU A 2 -2.16 10.00 -2.51
N CGU A 3 -1.89 11.07 -3.22
CA CGU A 3 -0.82 11.05 -4.27
C CGU A 3 0.47 10.51 -3.65
O CGU A 3 1.20 9.75 -4.27
CB CGU A 3 -0.63 12.49 -4.77
CG CGU A 3 0.17 12.54 -6.08
CD1 CGU A 3 1.65 12.86 -5.79
CD2 CGU A 3 0.08 11.22 -6.84
OE11 CGU A 3 2.15 13.82 -6.32
OE12 CGU A 3 2.26 12.11 -5.03
OE21 CGU A 3 1.02 10.44 -6.80
OE22 CGU A 3 -0.95 10.99 -7.47
H CGU A 3 -2.39 11.89 -3.05
HA CGU A 3 -1.13 10.42 -5.08
HB2 CGU A 3 -0.11 13.06 -4.00
HB3 CGU A 3 -1.61 12.94 -4.94
HG CGU A 3 -0.23 13.33 -6.70
N CGU A 4 0.75 10.90 -2.45
CA CGU A 4 1.97 10.41 -1.76
C CGU A 4 1.75 8.94 -1.41
O CGU A 4 2.61 8.10 -1.62
CB CGU A 4 2.17 11.21 -0.46
CG CGU A 4 2.51 12.68 -0.78
CD1 CGU A 4 1.45 13.29 -1.71
CD2 CGU A 4 2.51 13.50 0.52
OE11 CGU A 4 1.84 13.81 -2.74
OE12 CGU A 4 0.28 13.23 -1.38
OE21 CGU A 4 1.48 13.55 1.16
OE22 CGU A 4 3.55 14.04 0.85
H CGU A 4 0.14 11.50 -1.98
HA CGU A 4 2.83 10.51 -2.40
HB2 CGU A 4 2.98 10.78 0.10
HB3 CGU A 4 1.27 11.17 0.13
HG CGU A 4 3.48 12.74 -1.25
N LEU A 5 0.59 8.62 -0.89
CA LEU A 5 0.27 7.21 -0.53
C LEU A 5 0.06 6.39 -1.80
N ALA A 6 -0.57 6.96 -2.80
CA ALA A 6 -0.80 6.20 -4.07
C ALA A 6 0.52 5.56 -4.52
N CGU A 7 1.62 6.07 -4.05
CA CGU A 7 2.95 5.49 -4.41
C CGU A 7 3.18 4.23 -3.58
O CGU A 7 4.14 3.50 -3.77
CB CGU A 7 4.05 6.52 -4.12
CG CGU A 7 3.62 7.88 -4.68
CD1 CGU A 7 4.48 9.01 -4.08
CD2 CGU A 7 3.78 7.92 -6.20
OE11 CGU A 7 4.16 10.15 -4.37
OE12 CGU A 7 5.42 8.71 -3.37
OE21 CGU A 7 3.36 8.91 -6.79
OE22 CGU A 7 4.31 6.99 -6.76
H CGU A 7 1.57 6.83 -3.43
HA CGU A 7 2.95 5.24 -5.47
HB2 CGU A 7 4.96 6.20 -4.58
HB3 CGU A 7 4.18 6.59 -3.05
HG CGU A 7 2.59 8.07 -4.44
N LYS A 8 2.31 3.98 -2.65
CA LYS A 8 2.46 2.77 -1.80
C LYS A 8 1.11 2.34 -1.24
N ALA A 9 0.50 3.19 -0.46
CA ALA A 9 -0.82 2.82 0.14
C ALA A 9 -0.59 1.55 0.98
N PRO A 10 -0.14 1.71 2.22
CA PRO A 10 0.16 0.59 3.17
C PRO A 10 -0.80 -0.62 3.13
N CGU A 11 -1.69 -0.66 2.18
CA CGU A 11 -2.62 -1.79 2.04
C CGU A 11 -1.93 -2.81 1.12
O CGU A 11 -2.24 -3.99 1.14
CB CGU A 11 -3.94 -1.28 1.44
CG CGU A 11 -4.68 -2.39 0.67
CD1 CGU A 11 -5.12 -3.52 1.63
CD2 CGU A 11 -5.95 -1.81 0.01
OE11 CGU A 11 -5.75 -4.45 1.14
OE12 CGU A 11 -4.84 -3.44 2.81
OE21 CGU A 11 -6.09 -0.60 -0.03
OE22 CGU A 11 -6.77 -2.60 -0.45
H CGU A 11 -1.70 0.05 1.51
HA CGU A 11 -2.80 -2.25 3.01
HB2 CGU A 11 -3.72 -0.47 0.76
HB3 CGU A 11 -4.57 -0.91 2.23
HG CGU A 11 -4.04 -2.80 -0.08
N PHE A 12 -0.99 -2.35 0.34
CA PHE A 12 -0.25 -3.28 -0.56
C PHE A 12 0.61 -4.20 0.32
N ALA A 13 1.26 -3.62 1.29
CA ALA A 13 2.13 -4.42 2.21
C ALA A 13 1.31 -5.60 2.72
N ARG A 14 0.12 -5.34 3.18
CA ARG A 14 -0.73 -6.45 3.69
C ARG A 14 -1.29 -7.25 2.50
N CGU A 15 -1.61 -6.59 1.39
CA CGU A 15 -2.15 -7.33 0.21
C CGU A 15 -1.15 -8.40 -0.20
O CGU A 15 -1.52 -9.43 -0.73
CB CGU A 15 -2.41 -6.40 -0.97
CG CGU A 15 -3.79 -5.75 -0.81
CD1 CGU A 15 -3.99 -4.62 -1.82
CD2 CGU A 15 -4.91 -6.80 -1.02
OE11 CGU A 15 -5.12 -4.15 -1.93
OE12 CGU A 15 -3.03 -4.23 -2.46
OE21 CGU A 15 -4.61 -7.89 -1.46
OE22 CGU A 15 -6.06 -6.45 -0.77
H CGU A 15 -1.48 -5.61 1.35
HA CGU A 15 -3.06 -7.83 0.50
HB2 CGU A 15 -2.40 -6.97 -1.89
HB3 CGU A 15 -1.66 -5.64 -1.02
HG CGU A 15 -3.87 -5.36 0.20
N LEU A 16 0.11 -8.20 0.07
CA LEU A 16 1.09 -9.25 -0.27
C LEU A 16 1.48 -9.95 1.03
N ALA A 17 1.37 -9.26 2.13
CA ALA A 17 1.71 -9.90 3.44
C ALA A 17 1.01 -11.26 3.46
N ASN A 18 -0.21 -11.32 2.97
CA ASN A 18 -0.91 -12.65 2.95
C ASN A 18 -0.30 -13.53 1.83
N TYR A 19 0.50 -12.95 0.97
CA TYR A 19 1.16 -13.75 -0.13
C TYR A 19 2.07 -12.83 -0.95
N NH2 A 20 1.58 -11.80 -1.55
HN1 NH2 A 20 0.61 -11.60 -1.45
HN2 NH2 A 20 2.16 -11.21 -2.09
#